data_5NAG
#
_entry.id   5NAG
#
_cell.length_a   69.672
_cell.length_b   52.953
_cell.length_c   135.542
_cell.angle_alpha   90.00
_cell.angle_beta   103.60
_cell.angle_gamma   90.00
#
_symmetry.space_group_name_H-M   'P 1 21 1'
#
loop_
_entity.id
_entity.type
_entity.pdbx_description
1 polymer 'Kynurenine 3-monooxygenase'
2 non-polymer 'FLAVIN-ADENINE DINUCLEOTIDE'
3 non-polymer '3-[5-chloranyl-6-[(1~{R})-1-pyridin-2-ylethoxy]-1,2-benzoxazol-3-yl]propanoic acid'
4 water water
#
_entity_poly.entity_id   1
_entity_poly.type   'polypeptide(L)'
_entity_poly.pdbx_seq_one_letter_code
;MTATDNARQVTIIGAGLAGTLVARLLARNGWQVNLFERRPDPRIETGARGRSINLALAERGAHALRLAGLEREVLAEAVM
MRGRMVHVPGTPPNLQPYGRDDSEVIWSINRDRLNRILLDGAEAAGASIHFNLGLDSVDFARQRLTLSNVSGERLEKRFH
LLIGADGCNSAVRQAMASVVDLGEHLETQPHGYKELQITPEASAQFNLEPNALHIWPHGDYMCIALPNLDRSFTVTLFLH
HQSPAAQPASPSFAQLVDGHAARRFFQRQFPDLSPMLDSLEQDFEHHPTGKLATLRLTTWHVGGQAVLLGDAAHPMVPFH
GQGMNCALEDAVALAEHLQSAADNASALAAFTAQRQPDALAIQAMALENYVEMSSKVASPTYLLERELGQIMAQRQPTRF
IPRYSMVTFSRLPYAQAMARGQIQEQLLKFAVANHSDLTSINLDAVEHEVTRCLPPLSHLS
;
_entity_poly.pdbx_strand_id   A,B
#
# COMPACT_ATOMS: atom_id res chain seq x y z
N ALA A 7 -16.87 22.35 -42.56
CA ALA A 7 -17.15 21.63 -41.32
C ALA A 7 -16.66 20.18 -41.36
N ARG A 8 -16.00 19.75 -40.27
CA ARG A 8 -15.49 18.40 -40.12
C ARG A 8 -16.65 17.41 -40.01
N GLN A 9 -16.50 16.25 -40.66
CA GLN A 9 -17.55 15.23 -40.77
C GLN A 9 -17.24 14.05 -39.89
N VAL A 10 -18.31 13.47 -39.33
CA VAL A 10 -18.15 12.29 -38.52
C VAL A 10 -19.36 11.40 -38.62
N THR A 11 -19.12 10.08 -38.58
CA THR A 11 -20.18 9.07 -38.61
C THR A 11 -20.06 8.33 -37.29
N ILE A 12 -21.15 8.25 -36.55
CA ILE A 12 -21.17 7.56 -35.26
C ILE A 12 -22.08 6.38 -35.38
N ILE A 13 -21.59 5.22 -34.94
CA ILE A 13 -22.41 4.01 -34.92
C ILE A 13 -22.82 3.79 -33.49
N GLY A 14 -24.12 3.76 -33.25
CA GLY A 14 -24.69 3.50 -31.95
C GLY A 14 -25.20 4.73 -31.25
N ALA A 15 -26.52 4.90 -31.22
CA ALA A 15 -27.16 6.04 -30.56
C ALA A 15 -27.50 5.61 -29.13
N GLY A 16 -26.47 5.13 -28.43
CA GLY A 16 -26.59 4.72 -27.05
C GLY A 16 -26.12 5.86 -26.19
N LEU A 17 -25.55 5.59 -25.04
CA LEU A 17 -25.18 6.69 -24.13
C LEU A 17 -23.99 7.49 -24.61
N ALA A 18 -22.85 6.82 -24.91
CA ALA A 18 -21.65 7.54 -25.38
C ALA A 18 -21.91 8.14 -26.78
N GLY A 19 -22.51 7.39 -27.69
CA GLY A 19 -22.69 7.87 -29.08
C GLY A 19 -23.56 9.11 -29.19
N THR A 20 -24.66 9.14 -28.41
CA THR A 20 -25.56 10.29 -28.45
C THR A 20 -24.89 11.51 -27.79
N LEU A 21 -24.15 11.29 -26.69
CA LEU A 21 -23.44 12.39 -26.03
C LEU A 21 -22.38 12.96 -26.94
N VAL A 22 -21.54 12.08 -27.53
CA VAL A 22 -20.50 12.63 -28.39
C VAL A 22 -21.14 13.34 -29.62
N ALA A 23 -22.27 12.81 -30.15
CA ALA A 23 -22.99 13.46 -31.27
C ALA A 23 -23.39 14.89 -30.89
N ARG A 24 -23.92 15.09 -29.69
CA ARG A 24 -24.33 16.44 -29.26
C ARG A 24 -23.11 17.37 -29.12
N LEU A 25 -22.05 16.87 -28.45
CA LEU A 25 -20.86 17.69 -28.22
C LEU A 25 -20.20 18.13 -29.53
N LEU A 26 -20.12 17.20 -30.50
CA LEU A 26 -19.50 17.53 -31.78
C LEU A 26 -20.43 18.41 -32.63
N ALA A 27 -21.73 18.06 -32.68
CA ALA A 27 -22.66 18.87 -33.51
C ALA A 27 -22.75 20.33 -33.01
N ARG A 28 -22.73 20.54 -31.70
CA ARG A 28 -22.83 21.92 -31.21
C ARG A 28 -21.54 22.72 -31.49
N ASN A 29 -20.44 21.99 -31.78
CA ASN A 29 -19.16 22.58 -32.18
C ASN A 29 -19.08 22.70 -33.71
N GLY A 30 -20.21 22.49 -34.39
CA GLY A 30 -20.29 22.66 -35.84
C GLY A 30 -19.86 21.49 -36.69
N TRP A 31 -19.64 20.30 -36.09
CA TRP A 31 -19.31 19.14 -36.91
C TRP A 31 -20.58 18.69 -37.66
N GLN A 32 -20.40 18.05 -38.83
CA GLN A 32 -21.53 17.47 -39.55
C GLN A 32 -21.58 16.04 -39.00
N VAL A 33 -22.63 15.74 -38.22
CA VAL A 33 -22.72 14.45 -37.51
C VAL A 33 -23.88 13.62 -38.03
N ASN A 34 -23.60 12.34 -38.39
CA ASN A 34 -24.63 11.38 -38.78
C ASN A 34 -24.46 10.20 -37.85
N LEU A 35 -25.53 9.87 -37.16
CA LEU A 35 -25.52 8.80 -36.17
C LEU A 35 -26.42 7.67 -36.65
N PHE A 36 -25.88 6.43 -36.70
CA PHE A 36 -26.62 5.25 -37.15
C PHE A 36 -26.90 4.31 -36.01
N GLU A 37 -28.18 3.97 -35.83
CA GLU A 37 -28.59 3.11 -34.71
C GLU A 37 -29.35 1.89 -35.26
N ARG A 38 -29.04 0.67 -34.77
CA ARG A 38 -29.69 -0.56 -35.21
C ARG A 38 -31.17 -0.64 -34.80
N ARG A 39 -31.48 -0.17 -33.60
CA ARG A 39 -32.82 -0.25 -33.02
C ARG A 39 -33.76 0.82 -33.58
N PRO A 40 -35.08 0.71 -33.37
CA PRO A 40 -36.01 1.77 -33.79
C PRO A 40 -35.83 2.97 -32.86
N ASP A 41 -36.38 4.12 -33.26
CA ASP A 41 -36.33 5.32 -32.38
C ASP A 41 -37.31 5.09 -31.19
N PRO A 42 -36.79 5.02 -29.94
CA PRO A 42 -37.68 4.74 -28.78
C PRO A 42 -38.66 5.89 -28.52
N ARG A 43 -38.41 7.06 -29.12
CA ARG A 43 -39.28 8.23 -28.95
C ARG A 43 -40.56 8.08 -29.77
N ILE A 44 -40.56 7.13 -30.73
CA ILE A 44 -41.76 6.85 -31.52
C ILE A 44 -42.61 5.90 -30.68
N GLU A 45 -43.65 6.45 -30.03
CA GLU A 45 -44.50 5.62 -29.18
C GLU A 45 -45.23 4.53 -29.95
N THR A 46 -45.14 3.29 -29.45
CA THR A 46 -45.84 2.17 -30.05
C THR A 46 -46.73 1.56 -29.00
N GLY A 47 -47.45 0.50 -29.36
CA GLY A 47 -48.30 -0.17 -28.39
C GLY A 47 -47.57 -1.30 -27.68
N ALA A 48 -46.24 -1.41 -27.83
CA ALA A 48 -45.43 -2.46 -27.20
C ALA A 48 -45.32 -2.26 -25.69
N ARG A 49 -45.39 -3.37 -24.93
CA ARG A 49 -45.27 -3.32 -23.48
C ARG A 49 -43.76 -3.37 -23.17
N GLY A 50 -43.23 -2.23 -22.70
CA GLY A 50 -41.81 -2.10 -22.36
C GLY A 50 -41.52 -2.36 -20.89
N ARG A 51 -40.23 -2.65 -20.57
CA ARG A 51 -39.82 -2.88 -19.18
C ARG A 51 -38.71 -1.90 -18.73
N SER A 52 -38.79 -1.50 -17.46
CA SER A 52 -37.89 -0.53 -16.85
C SER A 52 -36.52 -1.07 -16.48
N ILE A 53 -35.44 -0.61 -17.15
CA ILE A 53 -34.17 -0.98 -16.57
C ILE A 53 -33.57 0.34 -16.07
N ASN A 54 -33.02 0.25 -14.87
CA ASN A 54 -32.45 1.41 -14.16
C ASN A 54 -30.96 1.35 -14.07
N LEU A 55 -30.37 2.54 -14.12
CA LEU A 55 -28.93 2.68 -13.99
C LEU A 55 -28.67 3.69 -12.88
N ALA A 56 -27.50 3.54 -12.25
CA ALA A 56 -27.00 4.43 -11.20
C ALA A 56 -26.05 5.46 -11.83
N LEU A 57 -26.54 6.67 -11.93
CA LEU A 57 -25.78 7.81 -12.45
C LEU A 57 -24.97 8.42 -11.30
N ALA A 58 -23.66 8.62 -11.54
CA ALA A 58 -22.80 9.14 -10.48
C ALA A 58 -22.10 10.42 -11.00
N GLU A 59 -21.17 10.99 -10.23
CA GLU A 59 -20.58 12.30 -10.61
C GLU A 59 -19.95 12.31 -12.01
N ARG A 60 -19.28 11.24 -12.41
CA ARG A 60 -18.62 11.25 -13.74
C ARG A 60 -19.65 11.40 -14.85
N GLY A 61 -20.73 10.62 -14.77
CA GLY A 61 -21.80 10.70 -15.76
C GLY A 61 -22.53 12.03 -15.66
N ALA A 62 -22.85 12.46 -14.43
CA ALA A 62 -23.60 13.70 -14.22
C ALA A 62 -22.82 14.92 -14.74
N HIS A 63 -21.50 14.93 -14.51
CA HIS A 63 -20.65 16.02 -14.98
C HIS A 63 -20.61 16.05 -16.51
N ALA A 64 -20.55 14.88 -17.16
CA ALA A 64 -20.58 14.79 -18.62
C ALA A 64 -21.89 15.38 -19.14
N LEU A 65 -23.01 15.01 -18.50
CA LEU A 65 -24.30 15.59 -18.88
C LEU A 65 -24.36 17.10 -18.61
N ARG A 66 -23.72 17.55 -17.52
CA ARG A 66 -23.66 18.95 -17.11
C ARG A 66 -22.95 19.77 -18.18
N LEU A 67 -21.78 19.28 -18.66
CA LEU A 67 -21.04 19.96 -19.74
C LEU A 67 -21.90 20.06 -21.00
N ALA A 68 -22.72 19.04 -21.25
CA ALA A 68 -23.60 18.98 -22.42
C ALA A 68 -24.90 19.80 -22.25
N GLY A 69 -25.17 20.31 -21.05
CA GLY A 69 -26.38 21.09 -20.75
C GLY A 69 -27.62 20.23 -20.59
N LEU A 70 -27.46 18.93 -20.23
CA LEU A 70 -28.56 17.98 -20.08
C LEU A 70 -28.77 17.46 -18.65
N GLU A 71 -27.88 17.80 -17.72
CA GLU A 71 -27.98 17.26 -16.35
C GLU A 71 -29.30 17.58 -15.65
N ARG A 72 -29.76 18.85 -15.70
CA ARG A 72 -31.02 19.24 -15.03
C ARG A 72 -32.17 18.39 -15.51
N GLU A 73 -32.28 18.19 -16.85
CA GLU A 73 -33.36 17.40 -17.43
C GLU A 73 -33.30 15.95 -16.95
N VAL A 74 -32.10 15.34 -16.94
CA VAL A 74 -31.95 13.94 -16.52
C VAL A 74 -32.25 13.79 -15.02
N LEU A 75 -31.70 14.68 -14.20
CA LEU A 75 -31.89 14.58 -12.75
C LEU A 75 -33.36 14.78 -12.34
N ALA A 76 -34.12 15.58 -13.12
CA ALA A 76 -35.55 15.82 -12.85
C ALA A 76 -36.31 14.50 -12.85
N GLU A 77 -35.79 13.49 -13.61
CA GLU A 77 -36.42 12.19 -13.77
C GLU A 77 -35.64 11.11 -13.02
N ALA A 78 -34.81 11.47 -12.04
CA ALA A 78 -33.99 10.47 -11.33
C ALA A 78 -34.29 10.44 -9.84
N VAL A 79 -34.20 9.25 -9.24
CA VAL A 79 -34.45 9.04 -7.81
C VAL A 79 -33.12 9.07 -7.05
N MET A 80 -33.02 9.89 -6.02
CA MET A 80 -31.80 9.95 -5.23
C MET A 80 -31.59 8.63 -4.49
N MET A 81 -30.37 8.11 -4.53
CA MET A 81 -30.03 6.93 -3.72
C MET A 81 -28.94 7.41 -2.76
N ARG A 82 -29.35 7.65 -1.50
CA ARG A 82 -28.47 8.21 -0.47
C ARG A 82 -27.43 7.24 0.05
N GLY A 83 -27.74 5.96 -0.05
CA GLY A 83 -26.87 4.94 0.49
C GLY A 83 -27.29 3.55 0.11
N ARG A 84 -26.56 2.58 0.64
CA ARG A 84 -26.74 1.18 0.42
C ARG A 84 -27.61 0.64 1.54
N MET A 85 -28.71 -0.02 1.19
CA MET A 85 -29.58 -0.63 2.18
C MET A 85 -29.32 -2.13 2.07
N VAL A 86 -28.64 -2.71 3.06
CA VAL A 86 -28.27 -4.13 3.09
C VAL A 86 -29.34 -4.95 3.81
N HIS A 87 -29.82 -6.00 3.12
CA HIS A 87 -30.86 -6.87 3.68
C HIS A 87 -30.28 -8.23 3.96
N VAL A 88 -30.25 -8.57 5.23
CA VAL A 88 -29.82 -9.87 5.75
C VAL A 88 -30.96 -10.36 6.67
N PRO A 89 -31.54 -11.56 6.41
CA PRO A 89 -32.66 -12.04 7.25
C PRO A 89 -32.29 -12.07 8.73
N GLY A 90 -33.21 -11.58 9.54
CA GLY A 90 -33.03 -11.51 10.99
C GLY A 90 -32.84 -10.09 11.47
N THR A 91 -31.95 -9.32 10.79
CA THR A 91 -31.68 -7.93 11.17
C THR A 91 -32.47 -6.95 10.33
N PRO A 92 -32.91 -5.80 10.90
CA PRO A 92 -33.66 -4.83 10.08
C PRO A 92 -32.73 -4.25 9.04
N PRO A 93 -33.25 -3.77 7.88
CA PRO A 93 -32.35 -3.21 6.85
C PRO A 93 -31.43 -2.13 7.43
N ASN A 94 -30.13 -2.21 7.06
CA ASN A 94 -29.10 -1.28 7.53
C ASN A 94 -28.69 -0.30 6.43
N LEU A 95 -28.97 1.01 6.63
CA LEU A 95 -28.63 2.04 5.65
C LEU A 95 -27.23 2.55 5.88
N GLN A 96 -26.38 2.34 4.90
CA GLN A 96 -24.99 2.79 4.94
C GLN A 96 -24.90 3.95 3.96
N PRO A 97 -24.92 5.21 4.45
CA PRO A 97 -24.85 6.36 3.53
C PRO A 97 -23.60 6.31 2.63
N TYR A 98 -23.79 6.65 1.36
CA TYR A 98 -22.70 6.62 0.37
C TYR A 98 -21.70 7.75 0.58
N GLY A 99 -22.18 8.87 1.14
CA GLY A 99 -21.34 10.05 1.34
C GLY A 99 -21.60 10.87 2.58
N ARG A 100 -20.98 12.05 2.59
CA ARG A 100 -20.98 13.01 3.70
C ARG A 100 -22.34 13.67 3.94
N ASP A 101 -23.08 13.95 2.85
CA ASP A 101 -24.41 14.59 2.89
C ASP A 101 -25.15 14.29 1.57
N ASP A 102 -26.32 14.95 1.33
CA ASP A 102 -27.08 14.70 0.10
C ASP A 102 -26.41 15.23 -1.19
N SER A 103 -25.23 15.87 -1.11
CA SER A 103 -24.56 16.24 -2.35
C SER A 103 -23.80 15.00 -2.86
N GLU A 104 -23.53 14.02 -1.97
CA GLU A 104 -22.78 12.80 -2.31
C GLU A 104 -23.75 11.64 -2.34
N VAL A 105 -24.47 11.58 -3.42
CA VAL A 105 -25.47 10.54 -3.66
C VAL A 105 -25.32 10.04 -5.09
N ILE A 106 -26.01 8.95 -5.41
CA ILE A 106 -26.08 8.45 -6.80
C ILE A 106 -27.55 8.53 -7.18
N TRP A 107 -27.84 8.51 -8.46
CA TRP A 107 -29.15 8.75 -9.00
C TRP A 107 -29.65 7.59 -9.82
N SER A 108 -30.83 7.09 -9.49
CA SER A 108 -31.39 5.97 -10.26
C SER A 108 -32.20 6.57 -11.40
N ILE A 109 -31.78 6.27 -12.64
CA ILE A 109 -32.48 6.79 -13.81
C ILE A 109 -32.96 5.67 -14.71
N ASN A 110 -34.17 5.82 -15.25
CA ASN A 110 -34.69 4.83 -16.19
C ASN A 110 -33.92 4.96 -17.52
N ARG A 111 -33.41 3.84 -18.07
CA ARG A 111 -32.60 3.90 -19.29
C ARG A 111 -33.36 4.55 -20.47
N ASP A 112 -34.63 4.19 -20.65
CA ASP A 112 -35.43 4.73 -21.75
C ASP A 112 -35.58 6.25 -21.64
N ARG A 113 -35.82 6.77 -20.42
CA ARG A 113 -35.95 8.22 -20.22
C ARG A 113 -34.61 8.90 -20.55
N LEU A 114 -33.50 8.31 -20.09
CA LEU A 114 -32.17 8.88 -20.37
C LEU A 114 -31.93 8.87 -21.90
N ASN A 115 -32.20 7.77 -22.57
CA ASN A 115 -31.92 7.76 -24.01
CA ASN A 115 -32.08 7.63 -24.03
C ASN A 115 -32.81 8.77 -24.77
N ARG A 116 -34.09 8.96 -24.42
CA ARG A 116 -34.99 9.97 -25.02
CA ARG A 116 -34.93 9.98 -25.08
C ARG A 116 -34.35 11.36 -24.90
N ILE A 117 -33.88 11.69 -23.68
CA ILE A 117 -33.26 13.00 -23.41
C ILE A 117 -32.00 13.18 -24.28
N LEU A 118 -31.17 12.14 -24.34
CA LEU A 118 -29.93 12.21 -25.10
C LEU A 118 -30.19 12.32 -26.60
N LEU A 119 -31.17 11.53 -27.12
CA LEU A 119 -31.51 11.61 -28.54
C LEU A 119 -32.00 13.01 -28.91
N ASP A 120 -32.92 13.56 -28.10
CA ASP A 120 -33.42 14.93 -28.30
C ASP A 120 -32.24 15.93 -28.26
N GLY A 121 -31.33 15.75 -27.31
CA GLY A 121 -30.16 16.62 -27.15
C GLY A 121 -29.26 16.61 -28.38
N ALA A 122 -29.02 15.41 -28.96
CA ALA A 122 -28.15 15.28 -30.15
C ALA A 122 -28.79 15.98 -31.34
N GLU A 123 -30.10 15.77 -31.53
CA GLU A 123 -30.84 16.42 -32.62
C GLU A 123 -30.93 17.93 -32.45
N ALA A 124 -31.14 18.40 -31.20
CA ALA A 124 -31.23 19.86 -30.95
C ALA A 124 -29.90 20.56 -31.33
N ALA A 125 -28.76 19.84 -31.17
CA ALA A 125 -27.44 20.36 -31.50
C ALA A 125 -27.12 20.29 -33.00
N GLY A 126 -27.94 19.59 -33.78
CA GLY A 126 -27.73 19.50 -35.22
C GLY A 126 -27.35 18.14 -35.79
N ALA A 127 -27.20 17.12 -34.94
CA ALA A 127 -26.85 15.77 -35.41
C ALA A 127 -28.06 15.17 -36.16
N SER A 128 -27.80 14.34 -37.20
CA SER A 128 -28.87 13.61 -37.90
C SER A 128 -28.79 12.17 -37.39
N ILE A 129 -29.93 11.64 -36.92
CA ILE A 129 -29.96 10.28 -36.40
C ILE A 129 -30.77 9.39 -37.34
N HIS A 130 -30.22 8.23 -37.71
CA HIS A 130 -30.82 7.30 -38.65
C HIS A 130 -30.99 5.98 -37.92
N PHE A 131 -32.25 5.62 -37.64
CA PHE A 131 -32.52 4.41 -36.88
C PHE A 131 -32.79 3.22 -37.81
N ASN A 132 -32.95 2.01 -37.23
CA ASN A 132 -33.25 0.77 -37.97
C ASN A 132 -32.15 0.46 -39.00
N LEU A 133 -30.91 0.85 -38.67
CA LEU A 133 -29.76 0.62 -39.56
C LEU A 133 -28.60 0.14 -38.71
N GLY A 134 -28.30 -1.16 -38.85
CA GLY A 134 -27.22 -1.80 -38.10
C GLY A 134 -25.97 -1.89 -38.94
N LEU A 135 -24.82 -1.49 -38.38
CA LEU A 135 -23.56 -1.59 -39.12
C LEU A 135 -23.23 -3.07 -39.29
N ASP A 136 -22.93 -3.46 -40.53
CA ASP A 136 -22.57 -4.83 -40.90
C ASP A 136 -21.09 -4.99 -41.16
N SER A 137 -20.49 -4.05 -41.88
CA SER A 137 -19.08 -4.18 -42.26
C SER A 137 -18.51 -2.86 -42.62
N VAL A 138 -17.18 -2.78 -42.61
CA VAL A 138 -16.46 -1.54 -42.94
C VAL A 138 -15.35 -1.86 -43.93
N ASP A 139 -15.23 -1.05 -44.99
CA ASP A 139 -14.11 -1.21 -45.93
C ASP A 139 -13.25 0.00 -45.64
N PHE A 140 -12.24 -0.18 -44.77
CA PHE A 140 -11.38 0.92 -44.38
C PHE A 140 -10.62 1.52 -45.57
N ALA A 141 -10.14 0.67 -46.48
CA ALA A 141 -9.36 1.14 -47.64
C ALA A 141 -10.19 2.05 -48.56
N ARG A 142 -11.45 1.66 -48.80
CA ARG A 142 -12.36 2.42 -49.66
C ARG A 142 -13.15 3.48 -48.90
N GLN A 143 -13.02 3.50 -47.58
CA GLN A 143 -13.74 4.44 -46.71
C GLN A 143 -15.25 4.34 -46.92
N ARG A 144 -15.75 3.11 -46.94
CA ARG A 144 -17.18 2.88 -47.07
C ARG A 144 -17.59 1.91 -46.02
N LEU A 145 -18.83 2.00 -45.64
CA LEU A 145 -19.36 1.02 -44.71
C LEU A 145 -20.71 0.51 -45.22
N THR A 146 -21.15 -0.63 -44.70
CA THR A 146 -22.41 -1.23 -45.09
C THR A 146 -23.29 -1.35 -43.87
N LEU A 147 -24.54 -0.89 -44.01
CA LEU A 147 -25.54 -0.97 -42.96
C LEU A 147 -26.69 -1.79 -43.49
N SER A 148 -27.49 -2.35 -42.58
CA SER A 148 -28.70 -3.04 -43.03
C SER A 148 -29.80 -2.95 -41.99
N ASN A 149 -31.08 -3.04 -42.42
CA ASN A 149 -32.20 -3.10 -41.46
C ASN A 149 -32.32 -4.58 -40.98
N VAL A 150 -33.30 -4.89 -40.12
CA VAL A 150 -33.50 -6.24 -39.58
C VAL A 150 -33.75 -7.29 -40.71
N SER A 151 -34.40 -6.87 -41.82
CA SER A 151 -34.70 -7.71 -43.01
C SER A 151 -33.47 -7.95 -43.91
N GLY A 152 -32.35 -7.31 -43.59
CA GLY A 152 -31.11 -7.48 -44.35
C GLY A 152 -30.98 -6.62 -45.60
N GLU A 153 -31.89 -5.63 -45.78
CA GLU A 153 -31.82 -4.68 -46.91
C GLU A 153 -30.60 -3.79 -46.64
N ARG A 154 -29.62 -3.81 -47.52
CA ARG A 154 -28.32 -3.12 -47.36
C ARG A 154 -28.30 -1.69 -47.89
N LEU A 155 -27.48 -0.87 -47.21
CA LEU A 155 -27.25 0.52 -47.57
C LEU A 155 -25.75 0.78 -47.36
N GLU A 156 -25.06 1.29 -48.40
CA GLU A 156 -23.64 1.63 -48.30
C GLU A 156 -23.50 3.12 -48.13
N LYS A 157 -22.56 3.55 -47.28
CA LYS A 157 -22.28 4.97 -47.04
C LYS A 157 -20.79 5.22 -47.06
N ARG A 158 -20.38 6.37 -47.57
CA ARG A 158 -19.00 6.78 -47.47
C ARG A 158 -18.83 7.33 -46.03
N PHE A 159 -17.62 7.26 -45.47
CA PHE A 159 -17.35 7.86 -44.17
C PHE A 159 -15.98 8.50 -44.18
N HIS A 160 -15.76 9.48 -43.30
CA HIS A 160 -14.49 10.21 -43.16
C HIS A 160 -13.86 9.82 -41.82
N LEU A 161 -14.67 9.83 -40.76
CA LEU A 161 -14.26 9.46 -39.41
C LEU A 161 -15.39 8.62 -38.85
N LEU A 162 -15.03 7.49 -38.29
CA LEU A 162 -16.01 6.54 -37.80
C LEU A 162 -15.84 6.38 -36.30
N ILE A 163 -16.91 6.62 -35.54
CA ILE A 163 -16.88 6.43 -34.08
C ILE A 163 -17.71 5.22 -33.74
N GLY A 164 -17.07 4.23 -33.13
CA GLY A 164 -17.73 3.01 -32.69
C GLY A 164 -18.24 3.21 -31.27
N ALA A 165 -19.53 3.65 -31.12
CA ALA A 165 -20.18 3.83 -29.83
C ALA A 165 -21.28 2.74 -29.80
N ASP A 166 -20.96 1.58 -30.38
CA ASP A 166 -21.96 0.54 -30.63
C ASP A 166 -21.96 -0.61 -29.62
N GLY A 167 -21.51 -0.32 -28.41
CA GLY A 167 -21.74 -1.25 -27.31
C GLY A 167 -20.83 -2.43 -27.18
N CYS A 168 -21.15 -3.29 -26.18
CA CYS A 168 -20.25 -4.38 -25.82
C CYS A 168 -19.99 -5.38 -26.95
N ASN A 169 -20.93 -5.52 -27.89
CA ASN A 169 -20.76 -6.44 -29.04
C ASN A 169 -20.55 -5.64 -30.33
N SER A 170 -19.80 -4.57 -30.20
CA SER A 170 -19.45 -3.62 -31.25
C SER A 170 -19.15 -4.24 -32.59
N ALA A 171 -19.89 -3.77 -33.61
CA ALA A 171 -19.62 -4.13 -35.01
C ALA A 171 -18.39 -3.35 -35.52
N VAL A 172 -18.20 -2.12 -35.05
CA VAL A 172 -17.02 -1.32 -35.46
C VAL A 172 -15.76 -2.05 -34.97
N ARG A 173 -15.78 -2.51 -33.71
CA ARG A 173 -14.63 -3.26 -33.15
C ARG A 173 -14.34 -4.51 -34.00
N GLN A 174 -15.39 -5.29 -34.33
CA GLN A 174 -15.20 -6.48 -35.15
C GLN A 174 -14.58 -6.10 -36.51
N ALA A 175 -15.07 -5.00 -37.13
CA ALA A 175 -14.53 -4.54 -38.41
C ALA A 175 -13.05 -4.12 -38.29
N MET A 176 -12.68 -3.40 -37.21
CA MET A 176 -11.29 -2.99 -36.96
C MET A 176 -10.36 -4.19 -36.81
N ALA A 177 -10.86 -5.25 -36.10
CA ALA A 177 -10.14 -6.50 -35.80
C ALA A 177 -9.68 -7.22 -37.06
N SER A 178 -10.17 -6.77 -38.23
CA SER A 178 -9.79 -7.31 -39.53
C SER A 178 -8.67 -6.53 -40.24
N VAL A 179 -8.41 -5.27 -39.84
CA VAL A 179 -7.37 -4.44 -40.46
C VAL A 179 -6.20 -4.19 -39.49
N VAL A 180 -6.42 -4.42 -38.21
CA VAL A 180 -5.38 -4.26 -37.18
C VAL A 180 -5.56 -5.38 -36.14
N ASP A 181 -4.48 -5.73 -35.44
CA ASP A 181 -4.59 -6.71 -34.36
C ASP A 181 -4.99 -5.85 -33.15
N LEU A 182 -6.21 -6.07 -32.60
CA LEU A 182 -6.61 -5.23 -31.46
C LEU A 182 -6.03 -5.66 -30.13
N GLY A 183 -5.34 -6.82 -30.12
CA GLY A 183 -4.72 -7.37 -28.94
C GLY A 183 -5.76 -7.54 -27.85
N GLU A 184 -6.89 -8.16 -28.21
CA GLU A 184 -8.08 -8.36 -27.36
C GLU A 184 -7.87 -9.48 -26.36
N HIS A 185 -8.26 -9.24 -25.09
CA HIS A 185 -8.19 -10.25 -24.02
C HIS A 185 -9.59 -10.24 -23.39
N LEU A 186 -10.37 -11.33 -23.59
CA LEU A 186 -11.72 -11.48 -23.03
C LEU A 186 -11.65 -12.30 -21.77
N GLU A 187 -12.24 -11.78 -20.69
CA GLU A 187 -12.25 -12.47 -19.41
C GLU A 187 -13.72 -12.69 -19.09
N THR A 188 -14.18 -13.93 -19.27
CA THR A 188 -15.58 -14.28 -19.00
C THR A 188 -15.83 -14.10 -17.53
N GLN A 189 -17.09 -13.85 -17.18
CA GLN A 189 -17.46 -13.71 -15.80
C GLN A 189 -18.52 -14.80 -15.53
N PRO A 190 -18.38 -15.56 -14.44
CA PRO A 190 -19.29 -16.70 -14.21
C PRO A 190 -20.75 -16.36 -13.91
N HIS A 191 -21.07 -15.12 -13.48
CA HIS A 191 -22.44 -14.74 -13.15
C HIS A 191 -23.23 -14.30 -14.36
N GLY A 192 -24.44 -14.79 -14.45
CA GLY A 192 -25.44 -14.29 -15.38
C GLY A 192 -26.30 -13.35 -14.56
N TYR A 193 -27.23 -12.66 -15.20
CA TYR A 193 -28.16 -11.84 -14.43
C TYR A 193 -29.61 -11.95 -14.94
N LYS A 194 -30.56 -11.71 -14.07
CA LYS A 194 -31.97 -11.74 -14.45
C LYS A 194 -32.64 -10.54 -13.79
N GLU A 195 -33.49 -9.86 -14.53
CA GLU A 195 -34.24 -8.71 -14.04
C GLU A 195 -35.62 -9.12 -13.59
N LEU A 196 -36.01 -8.67 -12.42
CA LEU A 196 -37.30 -8.99 -11.82
C LEU A 196 -37.92 -7.67 -11.34
N GLN A 197 -39.24 -7.64 -11.19
CA GLN A 197 -39.93 -6.39 -10.83
C GLN A 197 -40.57 -6.40 -9.48
N ILE A 198 -40.54 -5.23 -8.80
CA ILE A 198 -41.30 -5.00 -7.57
C ILE A 198 -42.25 -3.87 -7.96
N THR A 199 -43.55 -4.07 -7.78
CA THR A 199 -44.53 -3.04 -8.12
C THR A 199 -44.53 -1.92 -7.08
N PRO A 200 -45.16 -0.74 -7.39
CA PRO A 200 -45.26 0.32 -6.37
C PRO A 200 -46.07 -0.10 -5.13
N GLU A 201 -47.13 -0.93 -5.34
CA GLU A 201 -47.96 -1.40 -4.22
C GLU A 201 -47.14 -2.29 -3.30
N ALA A 202 -46.36 -3.24 -3.88
CA ALA A 202 -45.54 -4.18 -3.13
C ALA A 202 -44.42 -3.47 -2.38
N SER A 203 -43.70 -2.52 -3.03
CA SER A 203 -42.61 -1.85 -2.31
C SER A 203 -43.16 -1.04 -1.12
N ALA A 204 -44.33 -0.39 -1.29
CA ALA A 204 -44.98 0.38 -0.20
C ALA A 204 -45.43 -0.56 0.92
N GLN A 205 -46.06 -1.71 0.55
CA GLN A 205 -46.57 -2.69 1.54
C GLN A 205 -45.42 -3.23 2.43
N PHE A 206 -44.24 -3.46 1.82
CA PHE A 206 -43.10 -4.01 2.54
C PHE A 206 -42.13 -2.92 3.01
N ASN A 207 -42.55 -1.61 2.96
CA ASN A 207 -41.77 -0.46 3.43
C ASN A 207 -40.35 -0.42 2.83
N LEU A 208 -40.23 -0.70 1.53
CA LEU A 208 -38.91 -0.69 0.89
C LEU A 208 -38.51 0.76 0.63
N GLU A 209 -37.37 1.20 1.23
CA GLU A 209 -36.93 2.59 1.16
C GLU A 209 -36.71 3.04 -0.30
N PRO A 210 -37.46 4.05 -0.81
CA PRO A 210 -37.21 4.44 -2.22
C PRO A 210 -35.87 5.13 -2.45
N ASN A 211 -35.34 5.87 -1.45
CA ASN A 211 -34.10 6.64 -1.71
C ASN A 211 -32.81 5.91 -1.30
N ALA A 212 -32.63 4.70 -1.83
CA ALA A 212 -31.45 3.90 -1.52
C ALA A 212 -31.28 2.85 -2.61
N LEU A 213 -30.07 2.28 -2.69
CA LEU A 213 -29.76 1.16 -3.58
C LEU A 213 -29.79 -0.04 -2.63
N HIS A 214 -30.64 -1.04 -2.94
CA HIS A 214 -30.84 -2.17 -2.06
C HIS A 214 -29.99 -3.36 -2.45
N ILE A 215 -29.44 -4.04 -1.43
CA ILE A 215 -28.65 -5.24 -1.67
C ILE A 215 -29.11 -6.36 -0.76
N TRP A 216 -29.26 -7.57 -1.33
CA TRP A 216 -29.54 -8.79 -0.61
C TRP A 216 -28.29 -9.68 -0.85
N PRO A 217 -27.24 -9.51 -0.01
CA PRO A 217 -26.01 -10.30 -0.21
C PRO A 217 -26.24 -11.77 0.07
N HIS A 218 -25.56 -12.64 -0.70
CA HIS A 218 -25.66 -14.08 -0.46
C HIS A 218 -24.38 -14.84 -0.91
N GLY A 219 -23.22 -14.20 -0.74
CA GLY A 219 -21.92 -14.80 -1.06
C GLY A 219 -21.69 -14.92 -2.55
N ASP A 220 -21.82 -16.15 -3.11
CA ASP A 220 -21.63 -16.38 -4.54
C ASP A 220 -22.77 -15.85 -5.41
N TYR A 221 -23.87 -15.40 -4.80
CA TYR A 221 -24.95 -14.77 -5.58
C TYR A 221 -25.54 -13.66 -4.75
N MET A 222 -26.32 -12.79 -5.39
CA MET A 222 -26.96 -11.68 -4.68
C MET A 222 -28.05 -11.08 -5.54
N CYS A 223 -28.88 -10.25 -4.90
CA CYS A 223 -29.83 -9.40 -5.61
C CYS A 223 -29.56 -7.96 -5.24
N ILE A 224 -29.86 -7.07 -6.18
CA ILE A 224 -29.86 -5.63 -5.93
C ILE A 224 -31.20 -5.11 -6.41
N ALA A 225 -31.57 -3.91 -5.95
CA ALA A 225 -32.81 -3.28 -6.45
C ALA A 225 -32.56 -1.82 -6.55
N LEU A 226 -33.02 -1.21 -7.68
CA LEU A 226 -32.90 0.23 -7.91
C LEU A 226 -34.30 0.77 -8.09
N PRO A 227 -34.54 1.95 -7.50
CA PRO A 227 -35.89 2.52 -7.51
C PRO A 227 -36.27 3.30 -8.75
N ASN A 228 -37.56 3.37 -9.00
CA ASN A 228 -38.16 4.20 -10.04
C ASN A 228 -38.97 5.31 -9.41
N LEU A 229 -39.26 6.37 -10.21
CA LEU A 229 -40.03 7.54 -9.78
C LEU A 229 -41.40 7.16 -9.21
N ASP A 230 -41.98 6.09 -9.75
CA ASP A 230 -43.30 5.63 -9.33
C ASP A 230 -43.23 4.61 -8.18
N ARG A 231 -42.07 4.45 -7.50
CA ARG A 231 -41.91 3.55 -6.36
C ARG A 231 -41.79 2.06 -6.76
N SER A 232 -41.84 1.76 -8.06
CA SER A 232 -41.53 0.37 -8.48
C SER A 232 -40.01 0.23 -8.37
N PHE A 233 -39.49 -1.01 -8.32
CA PHE A 233 -38.05 -1.24 -8.30
C PHE A 233 -37.70 -2.30 -9.34
N THR A 234 -36.53 -2.15 -9.96
CA THR A 234 -36.03 -3.19 -10.84
C THR A 234 -35.03 -3.94 -9.98
N VAL A 235 -35.24 -5.23 -9.83
CA VAL A 235 -34.40 -6.12 -9.05
C VAL A 235 -33.51 -6.84 -10.04
N THR A 236 -32.21 -6.96 -9.73
CA THR A 236 -31.35 -7.76 -10.59
C THR A 236 -30.76 -8.88 -9.74
N LEU A 237 -30.95 -10.12 -10.16
CA LEU A 237 -30.35 -11.28 -9.54
C LEU A 237 -29.04 -11.59 -10.27
N PHE A 238 -27.92 -11.73 -9.53
CA PHE A 238 -26.62 -12.11 -10.10
C PHE A 238 -26.37 -13.53 -9.59
N LEU A 239 -26.28 -14.50 -10.50
CA LEU A 239 -26.16 -15.89 -10.12
C LEU A 239 -25.33 -16.64 -11.19
N HIS A 240 -24.48 -17.57 -10.76
CA HIS A 240 -23.67 -18.32 -11.71
C HIS A 240 -24.54 -18.93 -12.83
N HIS A 241 -24.07 -18.88 -14.08
CA HIS A 241 -24.81 -19.53 -15.17
C HIS A 241 -24.88 -21.05 -14.88
N GLN A 242 -23.75 -21.62 -14.42
CA GLN A 242 -23.59 -23.07 -14.19
C GLN A 242 -22.91 -23.33 -12.86
N SER A 243 -23.18 -24.48 -12.23
CA SER A 243 -22.52 -24.81 -10.96
C SER A 243 -21.12 -25.32 -11.34
N PRO A 244 -20.04 -24.84 -10.68
CA PRO A 244 -18.69 -25.33 -11.01
C PRO A 244 -18.52 -26.81 -10.67
N ALA A 245 -17.47 -27.44 -11.24
CA ALA A 245 -17.13 -28.85 -11.02
C ALA A 245 -16.87 -29.16 -9.54
N ALA A 246 -16.20 -28.23 -8.82
CA ALA A 246 -15.86 -28.35 -7.40
C ALA A 246 -17.09 -28.27 -6.49
N GLN A 247 -18.11 -27.47 -6.90
CA GLN A 247 -19.36 -27.28 -6.14
C GLN A 247 -20.59 -27.63 -7.03
N PRO A 248 -20.88 -28.94 -7.29
CA PRO A 248 -22.01 -29.29 -8.18
C PRO A 248 -23.40 -28.99 -7.61
N ALA A 249 -23.54 -28.93 -6.27
CA ALA A 249 -24.82 -28.65 -5.60
C ALA A 249 -25.13 -27.15 -5.52
N SER A 250 -24.10 -26.29 -5.73
CA SER A 250 -24.22 -24.83 -5.64
C SER A 250 -25.26 -24.23 -6.60
N PRO A 251 -26.10 -23.29 -6.10
CA PRO A 251 -27.12 -22.67 -6.97
C PRO A 251 -26.58 -22.09 -8.26
N SER A 252 -27.35 -22.21 -9.33
CA SER A 252 -26.99 -21.67 -10.65
C SER A 252 -28.25 -21.54 -11.50
N PHE A 253 -28.17 -20.76 -12.59
CA PHE A 253 -29.30 -20.63 -13.52
C PHE A 253 -29.69 -21.98 -14.13
N ALA A 254 -28.68 -22.84 -14.38
CA ALA A 254 -28.89 -24.18 -14.95
C ALA A 254 -29.85 -24.97 -14.06
N GLN A 255 -29.74 -24.83 -12.72
CA GLN A 255 -30.62 -25.55 -11.77
C GLN A 255 -32.04 -25.00 -11.72
N LEU A 256 -32.24 -23.74 -12.16
CA LEU A 256 -33.57 -23.11 -12.16
C LEU A 256 -34.22 -23.32 -13.54
N VAL A 257 -34.78 -24.53 -13.71
CA VAL A 257 -35.38 -25.03 -14.96
C VAL A 257 -36.59 -24.22 -15.43
N ASP A 258 -37.30 -23.54 -14.49
CA ASP A 258 -38.47 -22.71 -14.83
C ASP A 258 -38.76 -21.68 -13.71
N GLY A 259 -39.82 -20.88 -13.88
CA GLY A 259 -40.25 -19.87 -12.91
C GLY A 259 -40.58 -20.45 -11.55
N HIS A 260 -41.22 -21.63 -11.49
CA HIS A 260 -41.57 -22.30 -10.23
C HIS A 260 -40.28 -22.64 -9.43
N ALA A 261 -39.23 -23.13 -10.13
CA ALA A 261 -37.94 -23.42 -9.49
C ALA A 261 -37.34 -22.11 -8.95
N ALA A 262 -37.40 -21.02 -9.76
CA ALA A 262 -36.89 -19.71 -9.32
C ALA A 262 -37.63 -19.23 -8.05
N ARG A 263 -38.97 -19.45 -7.99
CA ARG A 263 -39.76 -19.05 -6.81
C ARG A 263 -39.26 -19.80 -5.55
N ARG A 264 -39.07 -21.11 -5.67
CA ARG A 264 -38.62 -21.95 -4.53
C ARG A 264 -37.23 -21.51 -4.05
N PHE A 265 -36.36 -21.17 -5.00
CA PHE A 265 -35.00 -20.67 -4.73
C PHE A 265 -35.08 -19.35 -3.96
N PHE A 266 -35.92 -18.41 -4.43
CA PHE A 266 -36.10 -17.13 -3.72
C PHE A 266 -36.71 -17.30 -2.34
N GLN A 267 -37.71 -18.17 -2.20
CA GLN A 267 -38.33 -18.41 -0.91
C GLN A 267 -37.32 -18.97 0.09
N ARG A 268 -36.36 -19.78 -0.39
CA ARG A 268 -35.37 -20.35 0.51
C ARG A 268 -34.22 -19.39 0.80
N GLN A 269 -33.66 -18.77 -0.25
CA GLN A 269 -32.46 -17.97 -0.12
C GLN A 269 -32.67 -16.47 0.07
N PHE A 270 -33.80 -15.93 -0.38
CA PHE A 270 -34.10 -14.50 -0.24
C PHE A 270 -35.52 -14.39 0.34
N PRO A 271 -35.77 -14.95 1.56
CA PRO A 271 -37.14 -15.00 2.06
C PRO A 271 -37.82 -13.66 2.28
N ASP A 272 -37.05 -12.60 2.56
CA ASP A 272 -37.68 -11.29 2.78
C ASP A 272 -37.91 -10.54 1.45
N LEU A 273 -37.34 -11.05 0.34
CA LEU A 273 -37.49 -10.41 -0.96
C LEU A 273 -38.59 -11.09 -1.78
N SER A 274 -38.63 -12.44 -1.76
CA SER A 274 -39.64 -13.21 -2.50
C SER A 274 -41.08 -12.61 -2.38
N PRO A 275 -41.59 -12.21 -1.17
CA PRO A 275 -42.97 -11.67 -1.09
C PRO A 275 -43.22 -10.40 -1.88
N MET A 276 -42.14 -9.64 -2.19
CA MET A 276 -42.26 -8.42 -2.98
C MET A 276 -42.25 -8.67 -4.48
N LEU A 277 -41.86 -9.89 -4.91
CA LEU A 277 -41.74 -10.22 -6.33
C LEU A 277 -43.00 -10.94 -6.83
N ASP A 278 -44.06 -10.17 -7.08
CA ASP A 278 -45.35 -10.72 -7.51
C ASP A 278 -45.31 -11.47 -8.83
N SER A 279 -44.51 -11.01 -9.78
CA SER A 279 -44.40 -11.59 -11.13
C SER A 279 -43.12 -12.38 -11.32
N LEU A 280 -42.53 -12.89 -10.23
CA LEU A 280 -41.27 -13.62 -10.24
C LEU A 280 -41.24 -14.72 -11.32
N GLU A 281 -42.24 -15.62 -11.28
CA GLU A 281 -42.32 -16.75 -12.24
C GLU A 281 -42.25 -16.28 -13.69
N GLN A 282 -43.11 -15.32 -14.04
CA GLN A 282 -43.26 -14.72 -15.38
C GLN A 282 -41.99 -13.97 -15.78
N ASP A 283 -41.46 -13.11 -14.87
CA ASP A 283 -40.24 -12.37 -15.16
C ASP A 283 -39.07 -13.33 -15.43
N PHE A 284 -38.95 -14.37 -14.61
CA PHE A 284 -37.86 -15.32 -14.78
C PHE A 284 -37.92 -16.00 -16.14
N GLU A 285 -39.12 -16.43 -16.56
CA GLU A 285 -39.25 -17.16 -17.83
C GLU A 285 -39.21 -16.29 -19.08
N HIS A 286 -39.69 -15.05 -18.99
CA HIS A 286 -39.77 -14.17 -20.15
C HIS A 286 -38.60 -13.20 -20.29
N HIS A 287 -37.88 -12.90 -19.19
CA HIS A 287 -36.72 -12.00 -19.27
C HIS A 287 -35.47 -12.83 -19.58
N PRO A 288 -34.67 -12.46 -20.60
CA PRO A 288 -33.47 -13.27 -20.91
C PRO A 288 -32.40 -13.15 -19.83
N THR A 289 -31.61 -14.21 -19.63
CA THR A 289 -30.49 -14.18 -18.68
C THR A 289 -29.36 -13.42 -19.38
N GLY A 290 -28.86 -12.38 -18.74
CA GLY A 290 -27.78 -11.58 -19.32
C GLY A 290 -26.41 -12.15 -19.04
N LYS A 291 -25.41 -11.73 -19.84
CA LYS A 291 -24.05 -12.19 -19.72
C LYS A 291 -23.16 -11.03 -19.32
N LEU A 292 -22.13 -11.31 -18.53
CA LEU A 292 -21.17 -10.30 -18.04
C LEU A 292 -19.77 -10.67 -18.49
N ALA A 293 -18.92 -9.66 -18.70
CA ALA A 293 -17.54 -9.95 -19.11
C ALA A 293 -16.69 -8.71 -18.99
N THR A 294 -15.38 -8.89 -19.01
CA THR A 294 -14.43 -7.79 -19.10
C THR A 294 -13.68 -8.02 -20.41
N LEU A 295 -13.56 -7.00 -21.23
CA LEU A 295 -12.81 -7.16 -22.49
C LEU A 295 -11.83 -6.01 -22.55
N ARG A 296 -10.55 -6.34 -22.67
CA ARG A 296 -9.45 -5.36 -22.71
C ARG A 296 -8.81 -5.40 -24.11
N LEU A 297 -8.62 -4.23 -24.69
CA LEU A 297 -8.05 -4.08 -26.03
C LEU A 297 -6.77 -3.29 -25.93
N THR A 298 -5.74 -3.73 -26.66
CA THR A 298 -4.47 -3.00 -26.72
C THR A 298 -4.67 -1.74 -27.54
N THR A 299 -5.47 -1.87 -28.60
CA THR A 299 -5.69 -0.84 -29.61
C THR A 299 -7.18 -0.43 -29.66
N TRP A 300 -7.44 0.88 -29.61
CA TRP A 300 -8.82 1.37 -29.75
C TRP A 300 -9.08 2.16 -31.04
N HIS A 301 -8.07 2.35 -31.88
CA HIS A 301 -8.28 3.12 -33.09
C HIS A 301 -7.50 2.56 -34.29
N VAL A 302 -7.94 2.94 -35.48
CA VAL A 302 -7.25 2.60 -36.75
C VAL A 302 -6.89 3.96 -37.34
N GLY A 303 -5.64 4.37 -37.15
CA GLY A 303 -5.13 5.65 -37.63
C GLY A 303 -6.04 6.80 -37.23
N GLY A 304 -6.41 7.62 -38.20
CA GLY A 304 -7.38 8.68 -37.96
C GLY A 304 -8.75 8.33 -38.48
N GLN A 305 -8.97 7.06 -38.90
CA GLN A 305 -10.22 6.66 -39.52
C GLN A 305 -11.28 6.22 -38.57
N ALA A 306 -10.91 5.47 -37.52
CA ALA A 306 -11.94 4.94 -36.64
C ALA A 306 -11.48 4.84 -35.20
N VAL A 307 -12.42 4.97 -34.28
CA VAL A 307 -12.09 4.84 -32.86
C VAL A 307 -13.24 4.21 -32.12
N LEU A 308 -12.93 3.53 -31.03
CA LEU A 308 -13.93 2.94 -30.15
C LEU A 308 -14.01 3.73 -28.84
N LEU A 309 -15.22 3.75 -28.21
CA LEU A 309 -15.33 4.33 -26.86
C LEU A 309 -16.48 3.64 -26.15
N GLY A 310 -16.57 3.86 -24.84
CA GLY A 310 -17.60 3.21 -24.05
C GLY A 310 -17.45 1.69 -24.03
N ASP A 311 -18.60 0.99 -24.05
CA ASP A 311 -18.62 -0.47 -24.02
C ASP A 311 -17.95 -1.07 -25.28
N ALA A 312 -17.94 -0.34 -26.39
CA ALA A 312 -17.28 -0.86 -27.59
C ALA A 312 -15.75 -1.03 -27.31
N ALA A 313 -15.17 -0.13 -26.50
CA ALA A 313 -13.73 -0.15 -26.20
C ALA A 313 -13.41 -0.97 -24.98
N HIS A 314 -14.28 -0.94 -23.95
CA HIS A 314 -13.88 -1.57 -22.70
C HIS A 314 -15.06 -2.18 -21.89
N PRO A 315 -15.70 -3.22 -22.42
CA PRO A 315 -16.72 -3.91 -21.61
C PRO A 315 -16.18 -4.18 -20.20
N MET A 316 -17.00 -3.92 -19.16
CA MET A 316 -16.55 -4.16 -17.79
C MET A 316 -17.68 -4.83 -17.03
N VAL A 317 -17.31 -5.49 -15.94
CA VAL A 317 -18.33 -6.11 -15.07
C VAL A 317 -19.14 -5.00 -14.38
N PRO A 318 -20.39 -5.27 -13.97
CA PRO A 318 -21.27 -4.17 -13.57
C PRO A 318 -21.20 -3.73 -12.12
N PHE A 319 -20.39 -4.41 -11.31
CA PHE A 319 -20.44 -4.30 -9.86
C PHE A 319 -20.02 -2.96 -9.26
N HIS A 320 -19.54 -2.00 -10.07
CA HIS A 320 -19.24 -0.68 -9.51
C HIS A 320 -20.24 0.35 -10.02
N GLY A 321 -21.20 -0.06 -10.87
CA GLY A 321 -22.17 0.84 -11.47
C GLY A 321 -21.45 1.97 -12.19
N GLN A 322 -20.40 1.61 -12.95
CA GLN A 322 -19.61 2.65 -13.62
C GLN A 322 -19.57 2.56 -15.15
N GLY A 323 -20.17 1.56 -15.76
CA GLY A 323 -20.13 1.43 -17.24
C GLY A 323 -20.62 2.66 -17.97
N MET A 324 -21.83 3.13 -17.60
CA MET A 324 -22.41 4.34 -18.22
C MET A 324 -21.55 5.55 -17.83
N ASN A 325 -21.19 5.66 -16.53
CA ASN A 325 -20.42 6.79 -16.03
C ASN A 325 -19.09 6.91 -16.81
N CYS A 326 -18.42 5.79 -17.00
CA CYS A 326 -17.17 5.76 -17.76
C CYS A 326 -17.43 6.13 -19.25
N ALA A 327 -18.50 5.58 -19.84
CA ALA A 327 -18.79 5.83 -21.26
C ALA A 327 -19.08 7.31 -21.51
N LEU A 328 -19.81 7.96 -20.58
CA LEU A 328 -20.10 9.40 -20.74
C LEU A 328 -18.83 10.22 -20.54
N GLU A 329 -17.97 9.81 -19.58
CA GLU A 329 -16.66 10.45 -19.37
C GLU A 329 -15.82 10.29 -20.68
N ASP A 330 -15.84 9.08 -21.29
CA ASP A 330 -15.12 8.88 -22.58
C ASP A 330 -15.65 9.83 -23.66
N ALA A 331 -16.98 10.01 -23.75
CA ALA A 331 -17.61 10.87 -24.78
C ALA A 331 -17.08 12.29 -24.67
N VAL A 332 -16.97 12.82 -23.43
CA VAL A 332 -16.44 14.17 -23.27
C VAL A 332 -14.99 14.22 -23.75
N ALA A 333 -14.18 13.25 -23.32
CA ALA A 333 -12.76 13.22 -23.69
C ALA A 333 -12.58 13.12 -25.20
N LEU A 334 -13.35 12.23 -25.86
CA LEU A 334 -13.22 12.09 -27.30
C LEU A 334 -13.61 13.37 -28.04
N ALA A 335 -14.72 14.01 -27.63
CA ALA A 335 -15.15 15.27 -28.27
C ALA A 335 -14.10 16.36 -28.07
N GLU A 336 -13.52 16.44 -26.85
CA GLU A 336 -12.47 17.42 -26.56
C GLU A 336 -11.24 17.21 -27.43
N HIS A 337 -10.76 15.95 -27.55
CA HIS A 337 -9.59 15.65 -28.36
C HIS A 337 -9.86 15.94 -29.83
N LEU A 338 -11.02 15.49 -30.35
CA LEU A 338 -11.37 15.71 -31.77
C LEU A 338 -11.47 17.19 -32.12
N GLN A 339 -12.09 17.93 -31.21
CA GLN A 339 -12.27 19.34 -31.46
C GLN A 339 -10.98 20.14 -31.60
N SER A 340 -9.97 19.84 -30.74
CA SER A 340 -8.75 20.64 -30.61
CA SER A 340 -8.76 20.67 -30.66
C SER A 340 -7.46 20.07 -31.20
N ALA A 341 -7.50 18.86 -31.77
CA ALA A 341 -6.27 18.24 -32.29
C ALA A 341 -5.83 18.76 -33.63
N ALA A 342 -4.55 18.49 -34.01
CA ALA A 342 -3.99 18.95 -35.29
C ALA A 342 -4.73 18.24 -36.45
N ASP A 343 -5.14 16.98 -36.21
CA ASP A 343 -5.83 16.14 -37.20
C ASP A 343 -6.47 14.98 -36.44
N ASN A 344 -7.37 14.26 -37.12
CA ASN A 344 -8.05 13.13 -36.49
C ASN A 344 -7.10 12.05 -35.99
N ALA A 345 -6.03 11.72 -36.76
CA ALA A 345 -5.10 10.67 -36.30
C ALA A 345 -4.49 11.04 -34.93
N SER A 346 -4.07 12.32 -34.80
CA SER A 346 -3.48 12.82 -33.55
C SER A 346 -4.51 12.75 -32.41
N ALA A 347 -5.76 13.15 -32.71
CA ALA A 347 -6.85 13.14 -31.73
C ALA A 347 -7.10 11.75 -31.21
N LEU A 348 -7.17 10.77 -32.12
CA LEU A 348 -7.52 9.41 -31.71
C LEU A 348 -6.40 8.77 -30.88
N ALA A 349 -5.14 9.01 -31.28
CA ALA A 349 -3.99 8.49 -30.54
C ALA A 349 -3.98 9.10 -29.11
N ALA A 350 -4.22 10.44 -28.99
CA ALA A 350 -4.20 11.13 -27.70
C ALA A 350 -5.36 10.69 -26.81
N PHE A 351 -6.53 10.52 -27.42
CA PHE A 351 -7.72 10.05 -26.68
C PHE A 351 -7.44 8.65 -26.08
N THR A 352 -6.94 7.72 -26.92
CA THR A 352 -6.62 6.35 -26.50
C THR A 352 -5.59 6.33 -25.39
N ALA A 353 -4.50 7.10 -25.55
CA ALA A 353 -3.42 7.16 -24.55
C ALA A 353 -3.96 7.69 -23.21
N GLN A 354 -4.85 8.68 -23.27
CA GLN A 354 -5.38 9.28 -22.05
C GLN A 354 -6.32 8.29 -21.34
N ARG A 355 -7.24 7.68 -22.10
CA ARG A 355 -8.32 6.89 -21.51
C ARG A 355 -7.98 5.43 -21.14
N GLN A 356 -7.10 4.79 -21.92
CA GLN A 356 -6.76 3.37 -21.69
C GLN A 356 -6.36 3.03 -20.25
N PRO A 357 -5.43 3.78 -19.59
CA PRO A 357 -5.09 3.43 -18.18
C PRO A 357 -6.28 3.55 -17.22
N ASP A 358 -7.14 4.52 -17.44
CA ASP A 358 -8.33 4.69 -16.60
C ASP A 358 -9.36 3.59 -16.83
N ALA A 359 -9.55 3.17 -18.10
CA ALA A 359 -10.49 2.06 -18.40
C ALA A 359 -9.96 0.78 -17.72
N LEU A 360 -8.63 0.52 -17.78
CA LEU A 360 -8.07 -0.67 -17.11
C LEU A 360 -8.34 -0.61 -15.59
N ALA A 361 -8.18 0.59 -15.01
CA ALA A 361 -8.36 0.80 -13.56
C ALA A 361 -9.82 0.51 -13.16
N ILE A 362 -10.80 1.12 -13.89
CA ILE A 362 -12.20 0.87 -13.52
C ILE A 362 -12.58 -0.60 -13.79
N GLN A 363 -12.06 -1.22 -14.84
CA GLN A 363 -12.36 -2.65 -15.06
C GLN A 363 -11.90 -3.49 -13.84
N ALA A 364 -10.72 -3.20 -13.30
CA ALA A 364 -10.18 -3.92 -12.13
C ALA A 364 -11.02 -3.63 -10.86
N MET A 365 -11.35 -2.35 -10.64
CA MET A 365 -12.13 -1.94 -9.45
C MET A 365 -13.56 -2.48 -9.48
N ALA A 366 -14.17 -2.56 -10.67
CA ALA A 366 -15.50 -3.14 -10.82
C ALA A 366 -15.52 -4.62 -10.44
N LEU A 367 -14.47 -5.38 -10.86
CA LEU A 367 -14.34 -6.79 -10.49
C LEU A 367 -14.24 -6.88 -8.95
N GLU A 368 -13.42 -6.00 -8.33
CA GLU A 368 -13.22 -6.01 -6.87
C GLU A 368 -14.48 -5.65 -6.03
N ASN A 369 -15.40 -4.86 -6.60
CA ASN A 369 -16.59 -4.45 -5.86
C ASN A 369 -17.58 -5.58 -5.60
N TYR A 370 -17.51 -6.67 -6.36
CA TYR A 370 -18.46 -7.79 -6.13
C TYR A 370 -18.37 -8.27 -4.67
N VAL A 371 -17.14 -8.51 -4.19
CA VAL A 371 -17.01 -9.02 -2.81
C VAL A 371 -17.47 -7.99 -1.79
N GLU A 372 -17.29 -6.69 -2.10
CA GLU A 372 -17.74 -5.61 -1.22
C GLU A 372 -19.26 -5.66 -1.06
N MET A 373 -20.00 -6.02 -2.14
CA MET A 373 -21.46 -6.07 -2.14
C MET A 373 -22.07 -7.36 -1.62
N SER A 374 -21.47 -8.52 -1.97
CA SER A 374 -22.11 -9.80 -1.69
C SER A 374 -21.71 -10.55 -0.43
N SER A 375 -20.69 -10.08 0.30
CA SER A 375 -20.27 -10.73 1.57
C SER A 375 -21.31 -10.50 2.68
N SER A 379 -18.17 -8.92 8.56
CA SER A 379 -16.76 -9.28 8.56
C SER A 379 -16.08 -8.91 9.92
N PRO A 380 -14.94 -9.53 10.33
CA PRO A 380 -14.38 -9.20 11.66
C PRO A 380 -13.35 -8.07 11.69
N THR A 381 -12.13 -8.31 11.13
CA THR A 381 -11.01 -7.37 11.04
C THR A 381 -11.37 -6.16 10.16
N TYR A 382 -12.21 -6.39 9.12
CA TYR A 382 -12.67 -5.38 8.17
C TYR A 382 -13.47 -4.25 8.83
N LEU A 383 -14.19 -4.54 9.94
CA LEU A 383 -14.94 -3.52 10.68
C LEU A 383 -13.97 -2.56 11.37
N LEU A 384 -12.86 -3.09 11.95
CA LEU A 384 -11.81 -2.29 12.60
C LEU A 384 -11.11 -1.39 11.57
N GLU A 385 -10.85 -1.92 10.35
CA GLU A 385 -10.27 -1.17 9.23
C GLU A 385 -11.18 -0.02 8.84
N ARG A 386 -12.50 -0.31 8.71
CA ARG A 386 -13.51 0.68 8.37
C ARG A 386 -13.59 1.77 9.43
N GLU A 387 -13.51 1.36 10.72
CA GLU A 387 -13.54 2.26 11.88
C GLU A 387 -12.33 3.20 11.84
N LEU A 388 -11.12 2.65 11.59
CA LEU A 388 -9.88 3.43 11.47
C LEU A 388 -9.95 4.37 10.24
N GLY A 389 -10.49 3.86 9.15
CA GLY A 389 -10.69 4.58 7.89
C GLY A 389 -11.57 5.82 8.11
N GLN A 390 -12.64 5.70 8.94
CA GLN A 390 -13.55 6.83 9.26
C GLN A 390 -12.80 7.94 10.00
N ILE A 391 -11.94 7.56 11.00
CA ILE A 391 -11.14 8.50 11.79
C ILE A 391 -10.13 9.23 10.90
N MET A 392 -9.47 8.49 9.99
CA MET A 392 -8.50 9.08 9.07
C MET A 392 -9.17 10.07 8.13
N ALA A 393 -10.39 9.73 7.69
CA ALA A 393 -11.17 10.60 6.80
C ALA A 393 -11.66 11.86 7.54
N GLN A 394 -11.91 11.77 8.86
CA GLN A 394 -12.34 12.90 9.71
C GLN A 394 -11.14 13.83 9.94
N ARG A 395 -9.97 13.28 10.27
CA ARG A 395 -8.76 14.06 10.53
C ARG A 395 -8.19 14.66 9.27
N GLN A 396 -8.24 13.90 8.15
CA GLN A 396 -7.63 14.38 6.91
C GLN A 396 -8.60 14.18 5.72
N PRO A 397 -9.71 14.96 5.69
CA PRO A 397 -10.70 14.76 4.62
C PRO A 397 -10.21 15.05 3.21
N THR A 398 -9.09 15.79 3.04
CA THR A 398 -8.59 16.06 1.68
C THR A 398 -7.53 15.03 1.25
N ARG A 399 -7.15 14.12 2.18
CA ARG A 399 -6.11 13.11 1.90
C ARG A 399 -6.68 11.69 1.91
N PHE A 400 -7.47 11.37 2.96
CA PHE A 400 -8.03 10.02 3.13
C PHE A 400 -9.49 10.04 2.67
N ILE A 401 -9.70 9.66 1.40
CA ILE A 401 -11.02 9.66 0.75
C ILE A 401 -11.29 8.20 0.36
N PRO A 402 -12.33 7.56 0.94
CA PRO A 402 -12.62 6.15 0.59
C PRO A 402 -12.66 5.94 -0.92
N ARG A 403 -12.11 4.82 -1.41
CA ARG A 403 -12.02 4.54 -2.83
C ARG A 403 -13.40 4.67 -3.51
N TYR A 404 -14.45 4.15 -2.85
CA TYR A 404 -15.80 4.27 -3.42
C TYR A 404 -16.14 5.76 -3.70
N SER A 405 -15.83 6.67 -2.74
CA SER A 405 -16.08 8.10 -2.93
C SER A 405 -15.25 8.68 -4.06
N MET A 406 -13.97 8.26 -4.17
CA MET A 406 -13.14 8.78 -5.26
C MET A 406 -13.70 8.36 -6.64
N VAL A 407 -14.17 7.12 -6.75
CA VAL A 407 -14.69 6.61 -8.03
C VAL A 407 -16.07 7.25 -8.29
N THR A 408 -16.90 7.30 -7.27
CA THR A 408 -18.27 7.72 -7.46
C THR A 408 -18.51 9.22 -7.46
N PHE A 409 -17.90 9.96 -6.51
CA PHE A 409 -18.19 11.38 -6.31
C PHE A 409 -17.13 12.36 -6.78
N SER A 410 -16.04 11.86 -7.36
CA SER A 410 -15.01 12.74 -7.86
C SER A 410 -14.71 12.41 -9.31
N ARG A 411 -13.96 13.28 -9.95
CA ARG A 411 -13.55 13.12 -11.35
C ARG A 411 -12.06 12.81 -11.42
N LEU A 412 -11.47 12.39 -10.28
CA LEU A 412 -10.07 11.99 -10.24
C LEU A 412 -9.90 10.86 -11.28
N PRO A 413 -8.84 10.85 -12.12
CA PRO A 413 -8.69 9.74 -13.08
C PRO A 413 -8.83 8.40 -12.35
N TYR A 414 -9.60 7.45 -12.93
CA TYR A 414 -9.79 6.15 -12.26
C TYR A 414 -8.46 5.54 -11.78
N ALA A 415 -7.38 5.63 -12.61
CA ALA A 415 -6.07 5.05 -12.26
C ALA A 415 -5.52 5.65 -10.95
N GLN A 416 -5.72 6.96 -10.76
CA GLN A 416 -5.32 7.69 -9.55
C GLN A 416 -6.18 7.28 -8.35
N ALA A 417 -7.52 7.14 -8.54
CA ALA A 417 -8.43 6.65 -7.50
C ALA A 417 -7.98 5.26 -7.06
N MET A 418 -7.62 4.39 -8.04
CA MET A 418 -7.17 3.06 -7.68
C MET A 418 -5.83 3.08 -6.88
N ALA A 419 -4.85 3.86 -7.36
CA ALA A 419 -3.52 3.96 -6.72
C ALA A 419 -3.66 4.50 -5.30
N ARG A 420 -4.45 5.57 -5.10
CA ARG A 420 -4.68 6.13 -3.76
C ARG A 420 -5.44 5.14 -2.88
N GLY A 421 -6.41 4.43 -3.46
CA GLY A 421 -7.17 3.41 -2.74
C GLY A 421 -6.28 2.27 -2.24
N GLN A 422 -5.27 1.91 -3.05
CA GLN A 422 -4.32 0.85 -2.69
C GLN A 422 -3.47 1.29 -1.50
N ILE A 423 -2.99 2.54 -1.50
CA ILE A 423 -2.21 3.11 -0.39
C ILE A 423 -3.06 3.06 0.87
N GLN A 424 -4.33 3.50 0.76
CA GLN A 424 -5.26 3.54 1.89
C GLN A 424 -5.55 2.14 2.44
N GLU A 425 -5.84 1.18 1.54
CA GLU A 425 -6.15 -0.22 1.92
C GLU A 425 -4.94 -0.85 2.65
N GLN A 426 -3.72 -0.59 2.14
CA GLN A 426 -2.47 -1.11 2.72
C GLN A 426 -2.22 -0.52 4.10
N LEU A 427 -2.42 0.81 4.25
CA LEU A 427 -2.21 1.53 5.52
C LEU A 427 -3.18 1.00 6.58
N LEU A 428 -4.47 0.81 6.21
CA LEU A 428 -5.46 0.30 7.15
C LEU A 428 -5.16 -1.13 7.54
N LYS A 429 -4.86 -1.99 6.54
CA LYS A 429 -4.56 -3.41 6.77
C LYS A 429 -3.35 -3.53 7.73
N PHE A 430 -2.28 -2.78 7.42
CA PHE A 430 -1.09 -2.81 8.26
C PHE A 430 -1.37 -2.30 9.66
N ALA A 431 -2.04 -1.12 9.76
CA ALA A 431 -2.34 -0.48 11.05
C ALA A 431 -3.19 -1.34 11.97
N VAL A 432 -4.13 -2.15 11.42
CA VAL A 432 -5.00 -2.99 12.26
C VAL A 432 -4.38 -4.36 12.60
N ALA A 433 -3.43 -4.85 11.77
CA ALA A 433 -2.74 -6.14 11.99
C ALA A 433 -2.08 -6.17 13.36
N ASN A 434 -2.28 -7.28 14.11
CA ASN A 434 -1.77 -7.51 15.47
C ASN A 434 -2.49 -6.61 16.51
N HIS A 435 -3.70 -6.14 16.18
CA HIS A 435 -4.52 -5.32 17.09
C HIS A 435 -5.91 -5.89 17.22
N SER A 436 -6.42 -5.95 18.45
CA SER A 436 -7.77 -6.46 18.75
C SER A 436 -8.83 -5.36 18.59
N ASP A 437 -8.49 -4.12 19.03
CA ASP A 437 -9.38 -2.96 18.97
C ASP A 437 -8.61 -1.65 18.68
N LEU A 438 -9.37 -0.55 18.50
CA LEU A 438 -8.88 0.78 18.19
C LEU A 438 -8.04 1.45 19.30
N THR A 439 -8.29 1.11 20.60
CA THR A 439 -7.59 1.70 21.75
C THR A 439 -6.09 1.39 21.77
N SER A 440 -5.67 0.27 21.16
CA SER A 440 -4.26 -0.12 21.07
C SER A 440 -3.59 0.49 19.82
N ILE A 441 -4.38 1.02 18.87
CA ILE A 441 -3.85 1.63 17.65
C ILE A 441 -3.46 3.10 17.90
N ASN A 442 -2.20 3.49 17.55
CA ASN A 442 -1.70 4.86 17.68
C ASN A 442 -2.24 5.68 16.49
N LEU A 443 -3.33 6.43 16.70
CA LEU A 443 -4.01 7.22 15.64
C LEU A 443 -3.12 8.28 14.98
N ASP A 444 -2.22 8.93 15.75
CA ASP A 444 -1.32 9.96 15.24
C ASP A 444 -0.25 9.40 14.30
N ALA A 445 0.24 8.16 14.58
CA ALA A 445 1.23 7.48 13.75
C ALA A 445 0.59 7.13 12.40
N VAL A 446 -0.67 6.63 12.44
CA VAL A 446 -1.44 6.28 11.23
C VAL A 446 -1.69 7.58 10.42
N GLU A 447 -2.10 8.68 11.11
CA GLU A 447 -2.35 9.99 10.48
C GLU A 447 -1.08 10.54 9.82
N HIS A 448 0.09 10.36 10.47
CA HIS A 448 1.38 10.80 9.95
C HIS A 448 1.71 10.08 8.65
N GLU A 449 1.38 8.77 8.57
CA GLU A 449 1.56 7.98 7.35
C GLU A 449 0.58 8.49 6.27
N VAL A 450 -0.64 8.90 6.67
CA VAL A 450 -1.63 9.47 5.73
C VAL A 450 -1.04 10.76 5.12
N THR A 451 -0.53 11.70 5.95
CA THR A 451 0.03 12.95 5.43
C THR A 451 1.33 12.71 4.64
N ARG A 452 2.05 11.62 4.94
CA ARG A 452 3.30 11.26 4.26
C ARG A 452 3.04 10.64 2.88
N CYS A 453 2.09 9.70 2.81
CA CYS A 453 1.81 8.91 1.60
C CYS A 453 0.68 9.44 0.71
N LEU A 454 -0.20 10.32 1.25
CA LEU A 454 -1.33 10.80 0.47
C LEU A 454 -1.36 12.32 0.30
N PRO A 455 -0.94 12.85 -0.88
CA PRO A 455 -1.01 14.31 -1.10
C PRO A 455 -2.43 14.84 -1.01
N PRO A 456 -2.66 16.09 -0.51
CA PRO A 456 -4.05 16.60 -0.44
C PRO A 456 -4.61 16.82 -1.83
N LEU A 457 -5.91 16.54 -2.00
CA LEU A 457 -6.61 16.72 -3.28
C LEU A 457 -7.47 17.97 -3.24
N ALA B 7 14.91 -34.62 22.53
CA ALA B 7 15.29 -33.19 22.48
C ALA B 7 14.67 -32.49 21.27
N ARG B 8 14.12 -31.27 21.48
CA ARG B 8 13.52 -30.48 20.42
C ARG B 8 14.61 -30.03 19.42
N GLN B 9 14.27 -30.05 18.14
CA GLN B 9 15.19 -29.76 17.04
C GLN B 9 14.91 -28.43 16.41
N VAL B 10 15.99 -27.76 15.99
CA VAL B 10 15.86 -26.49 15.31
C VAL B 10 16.97 -26.30 14.30
N THR B 11 16.62 -25.65 13.18
CA THR B 11 17.57 -25.30 12.11
C THR B 11 17.57 -23.79 12.04
N ILE B 12 18.75 -23.19 12.15
CA ILE B 12 18.89 -21.75 12.10
C ILE B 12 19.67 -21.38 10.86
N ILE B 13 19.16 -20.41 10.10
CA ILE B 13 19.87 -19.91 8.94
C ILE B 13 20.46 -18.57 9.29
N GLY B 14 21.78 -18.49 9.22
CA GLY B 14 22.51 -17.26 9.47
C GLY B 14 23.21 -17.26 10.80
N ALA B 15 24.55 -17.40 10.77
CA ALA B 15 25.37 -17.39 11.99
C ALA B 15 25.88 -15.96 12.18
N GLY B 16 24.92 -15.04 12.21
CA GLY B 16 25.19 -13.62 12.46
C GLY B 16 24.97 -13.34 13.92
N LEU B 17 24.54 -12.15 14.27
CA LEU B 17 24.40 -11.83 15.68
C LEU B 17 23.21 -12.52 16.36
N ALA B 18 22.01 -12.38 15.80
CA ALA B 18 20.82 -13.01 16.37
C ALA B 18 20.89 -14.55 16.25
N GLY B 19 21.32 -15.06 15.11
CA GLY B 19 21.35 -16.53 14.90
C GLY B 19 22.27 -17.26 15.84
N THR B 20 23.46 -16.71 16.09
CA THR B 20 24.44 -17.36 16.97
C THR B 20 23.97 -17.26 18.41
N LEU B 21 23.39 -16.11 18.79
CA LEU B 21 22.88 -15.97 20.15
C LEU B 21 21.74 -16.93 20.40
N VAL B 22 20.76 -16.99 19.47
CA VAL B 22 19.66 -17.91 19.73
C VAL B 22 20.16 -19.38 19.73
N ALA B 23 21.16 -19.70 18.87
CA ALA B 23 21.76 -21.05 18.84
C ALA B 23 22.34 -21.41 20.23
N ARG B 24 23.07 -20.47 20.85
CA ARG B 24 23.64 -20.74 22.18
C ARG B 24 22.54 -20.93 23.24
N LEU B 25 21.56 -20.03 23.25
CA LEU B 25 20.47 -20.08 24.24
C LEU B 25 19.68 -21.38 24.15
N LEU B 26 19.37 -21.81 22.90
CA LEU B 26 18.61 -23.05 22.72
C LEU B 26 19.48 -24.28 23.00
N ALA B 27 20.73 -24.30 22.48
CA ALA B 27 21.60 -25.47 22.69
C ALA B 27 21.89 -25.70 24.19
N ARG B 28 22.09 -24.64 24.96
CA ARG B 28 22.36 -24.84 26.38
C ARG B 28 21.12 -25.33 27.14
N ASN B 29 19.94 -25.17 26.53
CA ASN B 29 18.66 -25.66 27.06
C ASN B 29 18.38 -27.08 26.51
N GLY B 30 19.38 -27.69 25.88
CA GLY B 30 19.29 -29.05 25.37
C GLY B 30 18.63 -29.25 24.02
N TRP B 31 18.38 -28.16 23.27
CA TRP B 31 17.83 -28.31 21.93
C TRP B 31 18.94 -28.89 21.01
N GLN B 32 18.54 -29.62 19.97
CA GLN B 32 19.48 -30.08 18.95
C GLN B 32 19.49 -28.93 17.95
N VAL B 33 20.62 -28.20 17.87
CA VAL B 33 20.70 -27.00 17.02
C VAL B 33 21.70 -27.18 15.90
N ASN B 34 21.27 -26.87 14.66
CA ASN B 34 22.15 -26.87 13.48
C ASN B 34 22.00 -25.50 12.87
N LEU B 35 23.12 -24.83 12.70
CA LEU B 35 23.16 -23.47 12.20
C LEU B 35 23.88 -23.49 10.85
N PHE B 36 23.23 -22.94 9.81
CA PHE B 36 23.80 -22.88 8.45
C PHE B 36 24.16 -21.46 8.10
N GLU B 37 25.41 -21.26 7.67
CA GLU B 37 25.90 -19.91 7.36
C GLU B 37 26.46 -19.93 5.93
N ARG B 38 26.12 -18.93 5.11
CA ARG B 38 26.60 -18.84 3.73
C ARG B 38 28.11 -18.56 3.64
N ARG B 39 28.61 -17.71 4.53
CA ARG B 39 30.01 -17.28 4.53
C ARG B 39 30.96 -18.34 5.10
N PRO B 40 32.28 -18.22 4.87
CA PRO B 40 33.22 -19.14 5.52
C PRO B 40 33.28 -18.83 7.01
N ASP B 41 33.86 -19.74 7.79
CA ASP B 41 34.08 -19.49 9.24
C ASP B 41 35.19 -18.42 9.38
N PRO B 42 34.85 -17.23 9.95
CA PRO B 42 35.87 -16.15 10.08
C PRO B 42 37.00 -16.53 11.04
N ARG B 43 36.79 -17.57 11.85
CA ARG B 43 37.81 -18.03 12.80
C ARG B 43 38.93 -18.79 12.09
N ILE B 44 38.69 -19.20 10.83
CA ILE B 44 39.71 -19.87 10.04
C ILE B 44 40.57 -18.78 9.40
N GLU B 45 41.75 -18.53 9.96
CA GLU B 45 42.61 -17.48 9.44
C GLU B 45 43.07 -17.75 7.99
N THR B 46 42.94 -16.72 7.13
CA THR B 46 43.39 -16.82 5.74
C THR B 46 44.38 -15.69 5.51
N GLY B 47 44.88 -15.55 4.29
CA GLY B 47 45.80 -14.46 3.98
C GLY B 47 45.08 -13.21 3.52
N ALA B 48 43.74 -13.20 3.61
CA ALA B 48 42.93 -12.07 3.12
C ALA B 48 42.99 -10.83 3.99
N ARG B 49 42.75 -9.65 3.37
CA ARG B 49 42.73 -8.30 3.97
C ARG B 49 41.39 -8.10 4.71
N GLY B 50 41.46 -8.10 6.05
CA GLY B 50 40.31 -7.99 6.93
C GLY B 50 39.81 -6.59 7.24
N ARG B 51 38.81 -6.11 6.46
CA ARG B 51 38.18 -4.79 6.69
C ARG B 51 36.96 -4.98 7.62
N SER B 52 37.11 -4.60 8.90
CA SER B 52 36.04 -4.74 9.89
C SER B 52 35.66 -3.40 10.52
N ILE B 53 34.37 -3.28 10.83
CA ILE B 53 33.78 -2.06 11.39
C ILE B 53 33.36 -2.32 12.81
N ASN B 54 33.10 -1.26 13.54
CA ASN B 54 32.69 -1.38 14.93
C ASN B 54 31.23 -1.02 15.06
N LEU B 55 30.60 -1.56 16.09
CA LEU B 55 29.21 -1.32 16.41
C LEU B 55 29.14 -0.79 17.83
N ALA B 56 28.09 -0.01 18.09
CA ALA B 56 27.80 0.53 19.42
C ALA B 56 26.86 -0.42 20.15
N LEU B 57 27.43 -1.12 21.12
CA LEU B 57 26.72 -2.06 21.96
C LEU B 57 26.15 -1.32 23.16
N ALA B 58 24.85 -1.43 23.36
CA ALA B 58 24.17 -0.71 24.42
C ALA B 58 23.51 -1.70 25.40
N GLU B 59 22.74 -1.20 26.38
CA GLU B 59 22.21 -2.08 27.45
C GLU B 59 21.40 -3.27 26.91
N ARG B 60 20.59 -3.09 25.86
CA ARG B 60 19.78 -4.21 25.35
C ARG B 60 20.67 -5.33 24.84
N GLY B 61 21.67 -4.98 24.04
CA GLY B 61 22.59 -5.98 23.51
C GLY B 61 23.42 -6.57 24.64
N ALA B 62 23.96 -5.72 25.53
CA ALA B 62 24.82 -6.18 26.63
C ALA B 62 24.08 -7.13 27.56
N HIS B 63 22.80 -6.81 27.85
CA HIS B 63 21.98 -7.67 28.71
C HIS B 63 21.74 -9.03 28.04
N ALA B 64 21.48 -9.04 26.72
CA ALA B 64 21.29 -10.29 25.97
C ALA B 64 22.57 -11.14 26.10
N LEU B 65 23.74 -10.50 25.92
CA LEU B 65 25.01 -11.22 26.08
C LEU B 65 25.22 -11.70 27.53
N ARG B 66 24.76 -10.89 28.50
CA ARG B 66 24.86 -11.18 29.93
C ARG B 66 24.08 -12.44 30.26
N LEU B 67 22.82 -12.52 29.75
CA LEU B 67 21.99 -13.72 29.97
C LEU B 67 22.67 -14.96 29.38
N ALA B 68 23.37 -14.78 28.26
CA ALA B 68 24.08 -15.85 27.57
C ALA B 68 25.45 -16.21 28.19
N GLY B 69 25.92 -15.40 29.13
CA GLY B 69 27.20 -15.64 29.79
C GLY B 69 28.39 -15.19 28.97
N LEU B 70 28.16 -14.28 28.00
CA LEU B 70 29.21 -13.80 27.06
C LEU B 70 29.59 -12.34 27.25
N GLU B 71 28.87 -11.60 28.09
CA GLU B 71 29.12 -10.16 28.23
C GLU B 71 30.57 -9.83 28.65
N ARG B 72 31.11 -10.51 29.68
CA ARG B 72 32.48 -10.23 30.15
C ARG B 72 33.49 -10.38 29.00
N GLU B 73 33.37 -11.46 28.23
CA GLU B 73 34.29 -11.71 27.10
C GLU B 73 34.19 -10.60 26.05
N VAL B 74 32.97 -10.19 25.69
CA VAL B 74 32.77 -9.16 24.67
C VAL B 74 33.29 -7.81 25.16
N LEU B 75 32.95 -7.45 26.41
CA LEU B 75 33.36 -6.16 26.96
C LEU B 75 34.87 -6.02 27.12
N ALA B 76 35.58 -7.16 27.34
CA ALA B 76 37.04 -7.17 27.45
C ALA B 76 37.67 -6.61 26.17
N GLU B 77 36.98 -6.75 25.03
CA GLU B 77 37.46 -6.32 23.72
C GLU B 77 36.69 -5.10 23.22
N ALA B 78 36.04 -4.33 24.10
CA ALA B 78 35.25 -3.18 23.67
C ALA B 78 35.76 -1.88 24.26
N VAL B 79 35.65 -0.79 23.51
CA VAL B 79 36.08 0.56 23.97
C VAL B 79 34.90 1.23 24.64
N MET B 80 35.15 1.77 25.84
CA MET B 80 34.11 2.44 26.59
C MET B 80 33.83 3.80 26.01
N MET B 81 32.56 4.10 25.70
CA MET B 81 32.20 5.43 25.21
C MET B 81 31.36 6.07 26.32
N ARG B 82 31.98 7.00 27.05
CA ARG B 82 31.42 7.66 28.25
C ARG B 82 30.39 8.73 27.95
N GLY B 83 30.41 9.18 26.70
CA GLY B 83 29.52 10.24 26.28
C GLY B 83 29.65 10.48 24.82
N ARG B 84 28.85 11.41 24.34
CA ARG B 84 28.80 11.79 22.94
CA ARG B 84 28.78 11.82 22.94
C ARG B 84 29.64 13.06 22.75
N MET B 85 30.59 13.02 21.82
CA MET B 85 31.41 14.19 21.52
C MET B 85 30.82 14.83 20.26
N VAL B 86 30.14 15.97 20.43
CA VAL B 86 29.50 16.67 19.33
C VAL B 86 30.44 17.73 18.81
N HIS B 87 30.76 17.67 17.52
CA HIS B 87 31.63 18.60 16.83
C HIS B 87 30.75 19.57 16.06
N VAL B 88 30.38 20.69 16.69
CA VAL B 88 29.51 21.69 16.05
C VAL B 88 30.39 22.86 15.59
N PRO B 89 30.40 23.21 14.29
CA PRO B 89 31.26 24.32 13.83
C PRO B 89 31.00 25.62 14.60
N GLY B 90 32.07 26.28 14.99
CA GLY B 90 32.01 27.51 15.77
C GLY B 90 32.37 27.35 17.23
N THR B 91 32.20 26.15 17.81
CA THR B 91 32.52 25.87 19.21
C THR B 91 33.51 24.69 19.28
N PRO B 92 34.36 24.55 20.32
CA PRO B 92 35.24 23.38 20.41
C PRO B 92 34.37 22.13 20.64
N PRO B 93 34.84 20.91 20.31
CA PRO B 93 34.02 19.69 20.56
C PRO B 93 33.46 19.63 21.99
N ASN B 94 32.18 19.31 22.10
CA ASN B 94 31.42 19.26 23.34
C ASN B 94 31.10 17.83 23.79
N LEU B 95 31.64 17.42 24.94
CA LEU B 95 31.39 16.07 25.48
C LEU B 95 30.14 16.09 26.35
N GLN B 96 29.14 15.32 25.94
CA GLN B 96 27.88 15.19 26.65
C GLN B 96 27.90 13.81 27.31
N PRO B 97 28.22 13.72 28.63
CA PRO B 97 28.26 12.41 29.29
C PRO B 97 26.92 11.68 29.22
N TYR B 98 26.95 10.34 29.13
CA TYR B 98 25.73 9.56 29.07
C TYR B 98 25.02 9.50 30.41
N GLY B 99 25.77 9.47 31.51
CA GLY B 99 25.12 9.46 32.80
C GLY B 99 25.93 9.09 34.03
N ARG B 100 25.30 8.26 34.89
CA ARG B 100 25.80 7.74 36.17
C ARG B 100 27.18 7.12 36.04
N ASP B 101 28.23 7.93 36.35
CA ASP B 101 29.67 7.58 36.30
C ASP B 101 30.02 6.73 35.06
N ASP B 102 30.90 5.71 35.19
CA ASP B 102 31.25 4.83 34.08
C ASP B 102 30.31 3.61 33.98
N SER B 103 29.12 3.71 34.63
CA SER B 103 28.08 2.69 34.62
C SER B 103 27.12 2.92 33.44
N GLU B 104 26.83 4.21 33.11
CA GLU B 104 25.99 4.55 31.95
C GLU B 104 26.92 4.91 30.77
N VAL B 105 27.24 3.86 30.00
CA VAL B 105 28.15 3.94 28.87
C VAL B 105 27.65 3.08 27.71
N ILE B 106 28.22 3.32 26.54
CA ILE B 106 27.98 2.51 25.31
C ILE B 106 29.35 1.91 24.97
N TRP B 107 29.37 0.78 24.32
CA TRP B 107 30.63 0.09 24.04
C TRP B 107 30.88 -0.04 22.57
N SER B 108 32.07 0.31 22.11
CA SER B 108 32.38 0.17 20.70
C SER B 108 33.07 -1.19 20.53
N ILE B 109 32.42 -2.13 19.83
CA ILE B 109 32.96 -3.48 19.67
C ILE B 109 33.18 -3.78 18.20
N ASN B 110 34.33 -4.36 17.86
CA ASN B 110 34.63 -4.76 16.49
C ASN B 110 33.70 -5.90 16.07
N ARG B 111 33.02 -5.80 14.90
CA ARG B 111 32.08 -6.84 14.48
C ARG B 111 32.71 -8.25 14.43
N ASP B 112 33.91 -8.34 13.85
CA ASP B 112 34.61 -9.62 13.70
C ASP B 112 34.88 -10.26 15.05
N ARG B 113 35.34 -9.46 16.03
CA ARG B 113 35.62 -9.98 17.39
C ARG B 113 34.32 -10.49 18.01
N LEU B 114 33.23 -9.71 17.88
CA LEU B 114 31.94 -10.12 18.42
C LEU B 114 31.49 -11.44 17.76
N ASN B 115 31.57 -11.54 16.42
CA ASN B 115 31.11 -12.78 15.79
CA ASN B 115 31.25 -12.75 15.65
C ASN B 115 31.95 -14.00 16.23
N ARG B 116 33.28 -13.87 16.40
CA ARG B 116 34.20 -14.91 16.90
CA ARG B 116 34.09 -14.99 16.85
C ARG B 116 33.68 -15.43 18.26
N ILE B 117 33.43 -14.48 19.15
CA ILE B 117 32.97 -14.81 20.51
C ILE B 117 31.61 -15.54 20.47
N LEU B 118 30.70 -15.05 19.63
CA LEU B 118 29.37 -15.65 19.52
C LEU B 118 29.45 -17.04 18.90
N LEU B 119 30.26 -17.20 17.83
CA LEU B 119 30.44 -18.52 17.22
C LEU B 119 31.00 -19.54 18.20
N ASP B 120 32.05 -19.16 18.94
CA ASP B 120 32.63 -20.01 19.97
C ASP B 120 31.57 -20.34 21.04
N GLY B 121 30.80 -19.32 21.46
CA GLY B 121 29.74 -19.50 22.46
C GLY B 121 28.67 -20.50 22.03
N ALA B 122 28.23 -20.42 20.76
CA ALA B 122 27.20 -21.33 20.23
C ALA B 122 27.74 -22.77 20.23
N GLU B 123 28.98 -22.96 19.75
CA GLU B 123 29.61 -24.29 19.74
C GLU B 123 29.86 -24.84 21.14
N ALA B 124 30.30 -23.98 22.08
CA ALA B 124 30.54 -24.44 23.48
C ALA B 124 29.23 -24.96 24.12
N ALA B 125 28.09 -24.41 23.71
CA ALA B 125 26.76 -24.80 24.22
C ALA B 125 26.21 -26.06 23.54
N GLY B 126 26.85 -26.50 22.46
CA GLY B 126 26.43 -27.73 21.78
C GLY B 126 25.85 -27.58 20.39
N ALA B 127 25.73 -26.32 19.87
CA ALA B 127 25.19 -26.10 18.53
C ALA B 127 26.23 -26.56 17.50
N SER B 128 25.76 -27.07 16.33
CA SER B 128 26.66 -27.45 15.23
C SER B 128 26.52 -26.34 14.21
N ILE B 129 27.64 -25.79 13.79
CA ILE B 129 27.65 -24.72 12.80
C ILE B 129 28.25 -25.21 11.49
N HIS B 130 27.51 -25.00 10.39
CA HIS B 130 27.89 -25.47 9.04
C HIS B 130 28.07 -24.25 8.18
N PHE B 131 29.29 -23.93 7.83
CA PHE B 131 29.58 -22.75 7.04
C PHE B 131 29.61 -23.10 5.55
N ASN B 132 29.73 -22.04 4.70
CA ASN B 132 29.80 -22.20 3.23
C ASN B 132 28.57 -22.88 2.65
N LEU B 133 27.40 -22.66 3.31
CA LEU B 133 26.13 -23.25 2.88
C LEU B 133 25.05 -22.18 2.98
N GLY B 134 24.62 -21.69 1.84
CA GLY B 134 23.64 -20.63 1.75
C GLY B 134 22.28 -21.20 1.47
N LEU B 135 21.26 -20.76 2.22
CA LEU B 135 19.90 -21.23 1.98
C LEU B 135 19.45 -20.65 0.65
N ASP B 136 18.92 -21.53 -0.21
CA ASP B 136 18.40 -21.17 -1.54
C ASP B 136 16.89 -21.15 -1.59
N SER B 137 16.25 -22.16 -0.99
CA SER B 137 14.80 -22.26 -1.08
C SER B 137 14.28 -23.15 0.02
N VAL B 138 12.99 -23.06 0.29
CA VAL B 138 12.33 -23.87 1.31
C VAL B 138 11.05 -24.48 0.73
N ASP B 139 10.83 -25.76 0.98
CA ASP B 139 9.59 -26.42 0.57
C ASP B 139 8.88 -26.64 1.88
N PHE B 140 7.99 -25.71 2.24
CA PHE B 140 7.27 -25.79 3.50
C PHE B 140 6.38 -27.00 3.59
N ALA B 141 5.71 -27.36 2.48
CA ALA B 141 4.80 -28.51 2.46
C ALA B 141 5.54 -29.82 2.77
N ARG B 142 6.71 -30.01 2.14
CA ARG B 142 7.53 -31.20 2.34
C ARG B 142 8.47 -31.08 3.53
N GLN B 143 8.54 -29.89 4.16
CA GLN B 143 9.40 -29.62 5.33
C GLN B 143 10.87 -29.91 4.96
N ARG B 144 11.28 -29.44 3.78
CA ARG B 144 12.63 -29.62 3.30
C ARG B 144 13.16 -28.28 2.86
N LEU B 145 14.48 -28.14 2.88
CA LEU B 145 15.10 -26.92 2.38
C LEU B 145 16.27 -27.26 1.50
N THR B 146 16.70 -26.31 0.66
CA THR B 146 17.81 -26.52 -0.24
C THR B 146 18.88 -25.48 0.09
N LEU B 147 20.12 -25.97 0.26
CA LEU B 147 21.28 -25.13 0.51
C LEU B 147 22.25 -25.31 -0.62
N SER B 148 23.16 -24.36 -0.80
CA SER B 148 24.20 -24.56 -1.80
C SER B 148 25.45 -23.83 -1.40
N ASN B 149 26.61 -24.26 -1.93
CA ASN B 149 27.88 -23.57 -1.74
C ASN B 149 27.93 -22.47 -2.83
N VAL B 150 29.02 -21.69 -2.88
CA VAL B 150 29.21 -20.60 -3.85
C VAL B 150 29.15 -21.11 -5.33
N SER B 151 29.62 -22.35 -5.58
CA SER B 151 29.60 -22.98 -6.92
C SER B 151 28.22 -23.50 -7.35
N GLY B 152 27.23 -23.39 -6.46
CA GLY B 152 25.87 -23.80 -6.74
C GLY B 152 25.55 -25.27 -6.57
N GLU B 153 26.49 -26.05 -5.99
CA GLU B 153 26.27 -27.48 -5.69
C GLU B 153 25.25 -27.53 -4.55
N ARG B 154 24.08 -28.14 -4.81
CA ARG B 154 22.94 -28.19 -3.90
C ARG B 154 22.95 -29.35 -2.91
N LEU B 155 22.37 -29.09 -1.73
CA LEU B 155 22.24 -30.03 -0.62
C LEU B 155 20.83 -29.83 -0.02
N GLU B 156 20.03 -30.90 0.04
CA GLU B 156 18.68 -30.83 0.62
C GLU B 156 18.72 -31.37 2.04
N LYS B 157 17.99 -30.71 2.95
CA LYS B 157 17.90 -31.11 4.36
C LYS B 157 16.46 -31.10 4.80
N ARG B 158 16.09 -32.04 5.68
CA ARG B 158 14.78 -31.98 6.30
C ARG B 158 14.91 -30.96 7.45
N PHE B 159 13.80 -30.31 7.83
CA PHE B 159 13.80 -29.41 8.98
C PHE B 159 12.50 -29.58 9.72
N HIS B 160 12.51 -29.24 11.02
CA HIS B 160 11.32 -29.32 11.87
CA HIS B 160 11.32 -29.32 11.88
C HIS B 160 10.89 -27.90 12.24
N LEU B 161 11.86 -27.04 12.59
CA LEU B 161 11.66 -25.65 12.92
C LEU B 161 12.77 -24.86 12.28
N LEU B 162 12.40 -23.82 11.56
CA LEU B 162 13.36 -23.03 10.80
C LEU B 162 13.40 -21.61 11.33
N ILE B 163 14.59 -21.14 11.73
CA ILE B 163 14.74 -19.78 12.21
C ILE B 163 15.51 -18.99 11.18
N GLY B 164 14.90 -17.92 10.69
CA GLY B 164 15.53 -17.05 9.70
C GLY B 164 16.24 -15.93 10.42
N ALA B 165 17.55 -16.11 10.70
CA ALA B 165 18.41 -15.12 11.34
C ALA B 165 19.41 -14.68 10.24
N ASP B 166 18.92 -14.63 9.01
CA ASP B 166 19.77 -14.47 7.83
C ASP B 166 19.83 -13.05 7.26
N GLY B 167 19.61 -12.06 8.12
CA GLY B 167 19.92 -10.68 7.74
C GLY B 167 18.93 -9.94 6.87
N CYS B 168 19.32 -8.69 6.51
CA CYS B 168 18.39 -7.81 5.82
C CYS B 168 17.89 -8.32 4.48
N ASN B 169 18.66 -9.19 3.81
CA ASN B 169 18.26 -9.77 2.52
C ASN B 169 17.91 -11.25 2.68
N SER B 170 17.28 -11.54 3.80
CA SER B 170 16.86 -12.87 4.22
C SER B 170 16.30 -13.77 3.12
N ALA B 171 16.94 -14.93 2.95
CA ALA B 171 16.44 -15.99 2.06
C ALA B 171 15.21 -16.67 2.70
N VAL B 172 15.21 -16.81 4.05
CA VAL B 172 14.04 -17.43 4.72
C VAL B 172 12.81 -16.56 4.48
N ARG B 173 12.98 -15.22 4.60
CA ARG B 173 11.87 -14.28 4.35
C ARG B 173 11.34 -14.43 2.91
N GLN B 174 12.26 -14.48 1.94
CA GLN B 174 11.85 -14.67 0.53
C GLN B 174 11.09 -16.00 0.37
N ALA B 175 11.56 -17.07 1.03
CA ALA B 175 10.88 -18.37 0.95
C ALA B 175 9.48 -18.31 1.57
N MET B 176 9.32 -17.63 2.74
CA MET B 176 8.02 -17.47 3.39
C MET B 176 7.02 -16.71 2.50
N ALA B 177 7.46 -15.63 1.85
CA ALA B 177 6.64 -14.79 0.97
C ALA B 177 5.98 -15.61 -0.17
N SER B 178 6.45 -16.83 -0.42
CA SER B 178 5.87 -17.73 -1.41
C SER B 178 4.71 -18.60 -0.88
N VAL B 179 4.58 -18.73 0.45
CA VAL B 179 3.52 -19.53 1.06
C VAL B 179 2.52 -18.65 1.82
N VAL B 180 2.92 -17.43 2.16
CA VAL B 180 2.07 -16.49 2.90
C VAL B 180 2.34 -15.08 2.37
N ASP B 181 1.35 -14.19 2.47
CA ASP B 181 1.57 -12.79 2.10
C ASP B 181 2.17 -12.17 3.38
N LEU B 182 3.42 -11.70 3.31
CA LEU B 182 4.05 -11.12 4.49
C LEU B 182 3.62 -9.70 4.79
N GLY B 183 2.87 -9.09 3.89
CA GLY B 183 2.36 -7.73 4.03
C GLY B 183 3.52 -6.79 4.20
N GLU B 184 4.54 -6.93 3.32
CA GLU B 184 5.80 -6.18 3.34
C GLU B 184 5.63 -4.77 2.81
N HIS B 185 6.29 -3.82 3.45
CA HIS B 185 6.28 -2.43 3.02
C HIS B 185 7.70 -1.93 3.15
N LEU B 186 8.33 -1.63 2.02
CA LEU B 186 9.70 -1.12 2.00
C LEU B 186 9.67 0.41 1.91
N GLU B 187 10.44 1.07 2.76
CA GLU B 187 10.53 2.52 2.78
C GLU B 187 11.99 2.86 2.52
N THR B 188 12.26 3.34 1.32
CA THR B 188 13.63 3.71 0.93
C THR B 188 14.08 4.92 1.75
N GLN B 189 15.37 5.10 1.89
CA GLN B 189 15.90 6.22 2.63
C GLN B 189 16.87 6.99 1.69
N PRO B 190 16.77 8.35 1.64
CA PRO B 190 17.60 9.11 0.67
C PRO B 190 19.11 9.16 0.89
N HIS B 191 19.59 8.87 2.12
CA HIS B 191 21.02 8.90 2.42
C HIS B 191 21.72 7.60 2.09
N GLY B 192 22.86 7.74 1.46
CA GLY B 192 23.79 6.63 1.28
C GLY B 192 24.82 6.80 2.38
N TYR B 193 25.74 5.84 2.53
CA TYR B 193 26.80 6.03 3.50
C TYR B 193 28.16 5.60 2.94
N LYS B 194 29.23 6.19 3.47
CA LYS B 194 30.58 5.83 3.04
C LYS B 194 31.42 5.71 4.30
N GLU B 195 32.22 4.65 4.37
CA GLU B 195 33.12 4.43 5.51
C GLU B 195 34.48 4.97 5.19
N LEU B 196 35.05 5.72 6.14
CA LEU B 196 36.35 6.35 5.99
C LEU B 196 37.14 6.01 7.24
N GLN B 197 38.46 6.05 7.13
CA GLN B 197 39.30 5.64 8.24
C GLN B 197 40.09 6.77 8.84
N ILE B 198 40.28 6.72 10.17
CA ILE B 198 41.22 7.60 10.89
C ILE B 198 42.21 6.60 11.49
N THR B 199 43.51 6.75 11.17
CA THR B 199 44.52 5.84 11.68
C THR B 199 44.81 6.14 13.17
N PRO B 200 45.49 5.22 13.91
CA PRO B 200 45.86 5.53 15.31
C PRO B 200 46.80 6.75 15.43
N GLU B 201 47.71 6.93 14.44
CA GLU B 201 48.64 8.07 14.46
C GLU B 201 47.88 9.38 14.32
N ALA B 202 46.91 9.43 13.38
CA ALA B 202 46.12 10.64 13.10
C ALA B 202 45.19 10.97 14.27
N SER B 203 44.49 9.98 14.84
CA SER B 203 43.61 10.30 15.97
C SER B 203 44.43 10.86 17.16
N ALA B 204 45.61 10.29 17.44
CA ALA B 204 46.49 10.75 18.51
C ALA B 204 47.01 12.15 18.21
N GLN B 205 47.47 12.39 16.96
CA GLN B 205 48.00 13.71 16.56
C GLN B 205 46.96 14.83 16.73
N PHE B 206 45.69 14.54 16.41
CA PHE B 206 44.62 15.53 16.51
C PHE B 206 43.83 15.44 17.81
N ASN B 207 44.36 14.66 18.80
CA ASN B 207 43.74 14.53 20.13
C ASN B 207 42.27 14.11 20.08
N LEU B 208 41.91 13.20 19.16
CA LEU B 208 40.52 12.73 19.06
C LEU B 208 40.25 11.77 20.22
N GLU B 209 39.26 12.10 21.06
CA GLU B 209 38.95 11.36 22.28
C GLU B 209 38.58 9.89 22.00
N PRO B 210 39.37 8.90 22.46
CA PRO B 210 39.00 7.50 22.18
C PRO B 210 37.76 7.03 22.94
N ASN B 211 37.50 7.55 24.15
CA ASN B 211 36.40 7.02 24.97
C ASN B 211 35.10 7.80 24.81
N ALA B 212 34.72 8.04 23.55
CA ALA B 212 33.51 8.78 23.23
C ALA B 212 33.02 8.36 21.86
N LEU B 213 31.71 8.56 21.63
CA LEU B 213 31.08 8.35 20.32
C LEU B 213 31.09 9.77 19.70
N HIS B 214 31.66 9.93 18.50
CA HIS B 214 31.76 11.27 17.92
C HIS B 214 30.73 11.54 16.82
N ILE B 215 30.16 12.76 16.80
CA ILE B 215 29.22 13.16 15.75
C ILE B 215 29.62 14.52 15.20
N TRP B 216 29.56 14.65 13.87
CA TRP B 216 29.78 15.91 13.15
C TRP B 216 28.45 16.22 12.48
N PRO B 217 27.50 16.88 13.21
CA PRO B 217 26.21 17.22 12.59
C PRO B 217 26.36 18.26 11.46
N HIS B 218 25.59 18.10 10.40
CA HIS B 218 25.62 19.07 9.28
C HIS B 218 24.26 19.14 8.56
N GLY B 219 23.16 19.02 9.31
CA GLY B 219 21.81 19.14 8.77
C GLY B 219 21.43 17.95 7.90
N ASP B 220 21.41 18.17 6.56
CA ASP B 220 21.07 17.11 5.59
C ASP B 220 22.15 16.04 5.43
N TYR B 221 23.33 16.26 6.00
CA TYR B 221 24.39 15.24 6.01
C TYR B 221 25.14 15.29 7.31
N MET B 222 25.92 14.25 7.63
CA MET B 222 26.65 14.21 8.89
C MET B 222 27.69 13.08 8.86
N CYS B 223 28.59 13.09 9.86
CA CYS B 223 29.55 12.01 10.07
C CYS B 223 29.40 11.53 11.49
N ILE B 224 29.72 10.27 11.69
CA ILE B 224 29.80 9.69 13.02
C ILE B 224 31.10 8.92 13.05
N ALA B 225 31.74 8.79 14.21
CA ALA B 225 32.95 7.96 14.29
C ALA B 225 32.92 7.14 15.55
N LEU B 226 33.30 5.85 15.42
CA LEU B 226 33.36 4.97 16.57
C LEU B 226 34.81 4.52 16.74
N PRO B 227 35.28 4.47 17.99
CA PRO B 227 36.69 4.10 18.23
C PRO B 227 36.97 2.61 18.22
N ASN B 228 38.23 2.28 17.90
CA ASN B 228 38.75 0.90 17.99
C ASN B 228 39.74 0.82 19.13
N LEU B 229 40.02 -0.43 19.61
CA LEU B 229 40.97 -0.71 20.69
C LEU B 229 42.34 -0.14 20.40
N ASP B 230 42.71 -0.10 19.11
CA ASP B 230 44.04 0.40 18.70
C ASP B 230 44.05 1.92 18.40
N ARG B 231 42.99 2.66 18.79
CA ARG B 231 42.90 4.11 18.61
C ARG B 231 42.57 4.55 17.17
N SER B 232 42.39 3.60 16.25
CA SER B 232 41.89 3.96 14.93
C SER B 232 40.37 4.24 15.11
N PHE B 233 39.76 4.96 14.16
CA PHE B 233 38.32 5.15 14.23
C PHE B 233 37.73 4.82 12.87
N THR B 234 36.50 4.32 12.84
CA THR B 234 35.80 4.15 11.57
C THR B 234 34.82 5.31 11.52
N VAL B 235 34.97 6.18 10.50
CA VAL B 235 34.11 7.35 10.30
C VAL B 235 33.05 6.96 9.26
N THR B 236 31.76 7.26 9.51
CA THR B 236 30.75 7.01 8.50
C THR B 236 30.15 8.32 8.10
N LEU B 237 30.17 8.62 6.80
CA LEU B 237 29.55 9.81 6.24
C LEU B 237 28.15 9.41 5.75
N PHE B 238 27.10 10.14 6.16
CA PHE B 238 25.72 9.92 5.69
C PHE B 238 25.41 11.11 4.80
N LEU B 239 25.14 10.87 3.53
CA LEU B 239 24.94 11.92 2.53
C LEU B 239 23.95 11.44 1.48
N HIS B 240 23.06 12.34 1.01
CA HIS B 240 22.08 11.97 -0.02
C HIS B 240 22.77 11.30 -1.21
N HIS B 241 22.18 10.23 -1.74
CA HIS B 241 22.75 9.59 -2.96
C HIS B 241 22.71 10.63 -4.10
N GLN B 242 21.58 11.38 -4.20
CA GLN B 242 21.33 12.35 -5.28
C GLN B 242 20.80 13.68 -4.74
N SER B 243 21.09 14.78 -5.46
CA SER B 243 20.63 16.12 -5.09
C SER B 243 19.15 16.24 -5.52
N PRO B 244 18.21 16.66 -4.62
CA PRO B 244 16.80 16.74 -5.04
C PRO B 244 16.56 17.83 -6.08
N ALA B 245 15.40 17.76 -6.78
CA ALA B 245 15.00 18.72 -7.81
C ALA B 245 14.90 20.15 -7.26
N ALA B 246 14.37 20.30 -6.02
CA ALA B 246 14.19 21.58 -5.32
C ALA B 246 15.53 22.21 -4.92
N GLN B 247 16.54 21.38 -4.59
CA GLN B 247 17.89 21.82 -4.18
C GLN B 247 18.97 21.19 -5.09
N PRO B 248 19.14 21.68 -6.35
CA PRO B 248 20.14 21.05 -7.26
C PRO B 248 21.60 21.28 -6.89
N ALA B 249 21.90 22.33 -6.13
CA ALA B 249 23.27 22.66 -5.69
C ALA B 249 23.68 21.89 -4.43
N SER B 250 22.70 21.34 -3.68
CA SER B 250 22.90 20.61 -2.43
C SER B 250 23.85 19.39 -2.57
N PRO B 251 24.80 19.24 -1.61
CA PRO B 251 25.74 18.12 -1.67
C PRO B 251 25.07 16.74 -1.77
N SER B 252 25.68 15.84 -2.55
CA SER B 252 25.21 14.46 -2.72
C SER B 252 26.36 13.61 -3.23
N PHE B 253 26.23 12.28 -3.13
CA PHE B 253 27.27 11.36 -3.63
C PHE B 253 27.47 11.52 -5.14
N ALA B 254 26.37 11.81 -5.87
CA ALA B 254 26.39 12.02 -7.32
C ALA B 254 27.37 13.14 -7.68
N GLN B 255 27.41 14.23 -6.88
CA GLN B 255 28.31 15.36 -7.10
C GLN B 255 29.78 15.06 -6.78
N LEU B 256 30.03 14.05 -5.94
CA LEU B 256 31.39 13.70 -5.55
C LEU B 256 31.92 12.60 -6.46
N VAL B 257 32.36 13.02 -7.66
CA VAL B 257 32.81 12.13 -8.75
C VAL B 257 34.05 11.31 -8.41
N ASP B 258 34.94 11.85 -7.59
CA ASP B 258 36.16 11.15 -7.21
C ASP B 258 36.61 11.58 -5.83
N GLY B 259 37.68 10.95 -5.35
CA GLY B 259 38.27 11.25 -4.05
C GLY B 259 38.70 12.70 -3.92
N HIS B 260 39.09 13.35 -5.05
CA HIS B 260 39.51 14.75 -4.99
C HIS B 260 38.33 15.69 -4.68
N ALA B 261 37.17 15.43 -5.31
CA ALA B 261 35.92 16.17 -5.05
C ALA B 261 35.51 15.94 -3.58
N ALA B 262 35.60 14.68 -3.09
CA ALA B 262 35.27 14.34 -1.70
C ALA B 262 36.18 15.11 -0.73
N ARG B 263 37.48 15.22 -1.06
CA ARG B 263 38.43 15.95 -0.21
C ARG B 263 38.02 17.44 -0.09
N ARG B 264 37.69 18.07 -1.22
CA ARG B 264 37.31 19.49 -1.24
C ARG B 264 36.04 19.72 -0.44
N PHE B 265 35.09 18.79 -0.55
CA PHE B 265 33.83 18.81 0.22
C PHE B 265 34.13 18.75 1.73
N PHE B 266 34.99 17.81 2.14
CA PHE B 266 35.37 17.68 3.56
C PHE B 266 36.11 18.91 4.07
N GLN B 267 37.02 19.45 3.27
CA GLN B 267 37.77 20.63 3.68
C GLN B 267 36.84 21.83 3.90
N ARG B 268 35.79 21.96 3.07
CA ARG B 268 34.82 23.05 3.16
C ARG B 268 33.78 22.85 4.29
N GLN B 269 33.21 21.63 4.40
CA GLN B 269 32.09 21.31 5.32
C GLN B 269 32.46 20.64 6.62
N PHE B 270 33.59 19.92 6.68
CA PHE B 270 34.02 19.25 7.91
C PHE B 270 35.51 19.61 8.10
N PRO B 271 35.84 20.92 8.25
CA PRO B 271 37.25 21.31 8.31
C PRO B 271 38.10 20.72 9.43
N ASP B 272 37.48 20.39 10.57
CA ASP B 272 38.29 19.84 11.66
C ASP B 272 38.43 18.33 11.53
N LEU B 273 37.66 17.72 10.62
CA LEU B 273 37.67 16.29 10.40
C LEU B 273 38.59 15.91 9.25
N SER B 274 38.53 16.66 8.14
CA SER B 274 39.35 16.39 6.96
C SER B 274 40.83 16.08 7.28
N PRO B 275 41.55 16.85 8.17
CA PRO B 275 42.97 16.55 8.40
C PRO B 275 43.25 15.19 8.99
N MET B 276 42.26 14.58 9.65
CA MET B 276 42.40 13.25 10.26
C MET B 276 42.15 12.13 9.28
N LEU B 277 41.56 12.44 8.10
CA LEU B 277 41.20 11.41 7.12
C LEU B 277 42.31 11.30 6.06
N ASP B 278 43.41 10.61 6.40
CA ASP B 278 44.57 10.50 5.51
C ASP B 278 44.31 9.78 4.20
N SER B 279 43.45 8.77 4.22
CA SER B 279 43.14 7.96 3.05
C SER B 279 41.75 8.30 2.48
N LEU B 280 41.26 9.52 2.71
CA LEU B 280 39.95 9.99 2.28
C LEU B 280 39.70 9.66 0.80
N GLU B 281 40.59 10.12 -0.09
CA GLU B 281 40.48 9.91 -1.53
C GLU B 281 40.32 8.43 -1.88
N GLN B 282 41.24 7.57 -1.37
CA GLN B 282 41.20 6.12 -1.62
C GLN B 282 39.96 5.45 -1.02
N ASP B 283 39.64 5.79 0.25
CA ASP B 283 38.47 5.22 0.91
C ASP B 283 37.21 5.54 0.11
N PHE B 284 37.07 6.79 -0.35
CA PHE B 284 35.90 7.21 -1.11
C PHE B 284 35.75 6.49 -2.43
N GLU B 285 36.88 6.19 -3.11
CA GLU B 285 36.84 5.50 -4.39
C GLU B 285 36.72 3.99 -4.30
N HIS B 286 37.32 3.37 -3.27
CA HIS B 286 37.35 1.92 -3.14
C HIS B 286 36.27 1.34 -2.22
N HIS B 287 35.72 2.16 -1.30
CA HIS B 287 34.65 1.65 -0.42
C HIS B 287 33.29 1.87 -1.10
N PRO B 288 32.43 0.83 -1.18
CA PRO B 288 31.13 1.04 -1.84
C PRO B 288 30.21 1.95 -1.01
N THR B 289 29.34 2.69 -1.69
CA THR B 289 28.38 3.53 -0.98
C THR B 289 27.25 2.60 -0.54
N GLY B 290 26.95 2.58 0.75
CA GLY B 290 25.91 1.72 1.30
C GLY B 290 24.53 2.32 1.13
N LYS B 291 23.51 1.45 1.18
CA LYS B 291 22.11 1.87 1.02
C LYS B 291 21.40 1.63 2.32
N LEU B 292 20.42 2.49 2.62
CA LEU B 292 19.65 2.39 3.87
C LEU B 292 18.19 2.23 3.58
N ALA B 293 17.45 1.55 4.49
CA ALA B 293 16.02 1.36 4.27
C ALA B 293 15.37 0.78 5.53
N THR B 294 14.04 0.91 5.57
CA THR B 294 13.23 0.31 6.62
C THR B 294 12.31 -0.68 5.91
N LEU B 295 12.23 -1.89 6.42
CA LEU B 295 11.30 -2.86 5.82
C LEU B 295 10.43 -3.38 6.96
N ARG B 296 9.11 -3.23 6.79
CA ARG B 296 8.12 -3.60 7.78
C ARG B 296 7.29 -4.75 7.25
N LEU B 297 7.11 -5.80 8.07
CA LEU B 297 6.36 -6.99 7.71
C LEU B 297 5.19 -7.14 8.64
N THR B 298 4.04 -7.50 8.08
CA THR B 298 2.84 -7.75 8.89
C THR B 298 3.02 -9.11 9.59
N THR B 299 3.65 -10.05 8.86
CA THR B 299 3.80 -11.44 9.29
C THR B 299 5.27 -11.82 9.42
N TRP B 300 5.64 -12.43 10.55
CA TRP B 300 7.02 -12.90 10.75
C TRP B 300 7.14 -14.41 10.85
N HIS B 301 6.03 -15.16 10.79
CA HIS B 301 6.13 -16.60 10.89
C HIS B 301 5.15 -17.32 10.00
N VAL B 302 5.44 -18.60 9.74
CA VAL B 302 4.55 -19.49 8.99
C VAL B 302 4.21 -20.61 9.98
N GLY B 303 3.04 -20.51 10.60
CA GLY B 303 2.56 -21.47 11.60
C GLY B 303 3.63 -21.73 12.65
N GLY B 304 3.92 -23.01 12.88
CA GLY B 304 4.99 -23.41 13.79
C GLY B 304 6.25 -23.81 13.06
N GLN B 305 6.29 -23.62 11.72
CA GLN B 305 7.40 -24.10 10.92
C GLN B 305 8.55 -23.14 10.81
N ALA B 306 8.27 -21.83 10.67
CA ALA B 306 9.39 -20.90 10.45
C ALA B 306 9.13 -19.55 11.04
N VAL B 307 10.20 -18.85 11.46
CA VAL B 307 10.06 -17.51 12.02
C VAL B 307 11.25 -16.68 11.63
N LEU B 308 11.05 -15.36 11.53
CA LEU B 308 12.13 -14.42 11.27
C LEU B 308 12.47 -13.63 12.54
N LEU B 309 13.74 -13.18 12.64
CA LEU B 309 14.13 -12.29 13.75
C LEU B 309 15.31 -11.44 13.29
N GLY B 310 15.61 -10.39 14.06
CA GLY B 310 16.69 -9.47 13.69
C GLY B 310 16.42 -8.75 12.39
N ASP B 311 17.48 -8.53 11.60
CA ASP B 311 17.38 -7.84 10.31
C ASP B 311 16.50 -8.61 9.32
N ALA B 312 16.37 -9.95 9.47
CA ALA B 312 15.51 -10.71 8.57
C ALA B 312 14.05 -10.26 8.75
N ALA B 313 13.67 -9.92 9.98
CA ALA B 313 12.29 -9.52 10.30
C ALA B 313 12.06 -8.03 10.16
N HIS B 314 13.06 -7.21 10.49
CA HIS B 314 12.80 -5.78 10.55
C HIS B 314 14.01 -4.89 10.21
N PRO B 315 14.49 -4.92 8.95
CA PRO B 315 15.53 -3.95 8.56
C PRO B 315 15.17 -2.54 9.01
N MET B 316 16.12 -1.82 9.60
CA MET B 316 15.86 -0.48 10.08
C MET B 316 16.99 0.44 9.68
N VAL B 317 16.71 1.74 9.68
CA VAL B 317 17.74 2.74 9.39
C VAL B 317 18.76 2.73 10.55
N PRO B 318 20.03 3.08 10.31
CA PRO B 318 21.04 2.88 11.38
C PRO B 318 21.13 3.95 12.43
N PHE B 319 20.31 5.02 12.28
CA PHE B 319 20.50 6.26 13.05
C PHE B 319 20.34 6.16 14.57
N HIS B 320 19.84 5.05 15.13
CA HIS B 320 19.79 4.93 16.59
C HIS B 320 20.86 3.96 17.14
N GLY B 321 21.65 3.33 16.26
CA GLY B 321 22.65 2.34 16.67
C GLY B 321 21.97 1.24 17.45
N GLN B 322 20.80 0.79 16.94
CA GLN B 322 20.03 -0.23 17.64
C GLN B 322 19.78 -1.51 16.87
N GLY B 323 20.23 -1.64 15.63
CA GLY B 323 19.96 -2.86 14.86
C GLY B 323 20.47 -4.12 15.55
N MET B 324 21.74 -4.10 15.96
CA MET B 324 22.34 -5.28 16.66
C MET B 324 21.62 -5.41 18.05
N ASN B 325 21.47 -4.29 18.77
CA ASN B 325 20.85 -4.32 20.10
C ASN B 325 19.48 -4.96 20.03
N CYS B 326 18.68 -4.54 19.04
CA CYS B 326 17.33 -5.10 18.85
C CYS B 326 17.42 -6.60 18.47
N ALA B 327 18.36 -6.96 17.56
CA ALA B 327 18.47 -8.35 17.10
C ALA B 327 18.84 -9.28 18.27
N LEU B 328 19.72 -8.82 19.16
CA LEU B 328 20.10 -9.65 20.32
C LEU B 328 18.95 -9.76 21.31
N GLU B 329 18.20 -8.66 21.49
CA GLU B 329 17.00 -8.64 22.31
C GLU B 329 15.98 -9.65 21.71
N ASP B 330 15.80 -9.62 20.37
CA ASP B 330 14.90 -10.60 19.71
C ASP B 330 15.32 -12.04 20.00
N ALA B 331 16.65 -12.32 19.94
CA ALA B 331 17.18 -13.68 20.15
C ALA B 331 16.80 -14.20 21.53
N VAL B 332 16.91 -13.35 22.54
CA VAL B 332 16.52 -13.75 23.91
C VAL B 332 15.02 -14.05 23.95
N ALA B 333 14.20 -13.16 23.38
CA ALA B 333 12.74 -13.35 23.39
C ALA B 333 12.33 -14.63 22.67
N LEU B 334 12.93 -14.87 21.50
CA LEU B 334 12.60 -16.08 20.74
C LEU B 334 12.96 -17.34 21.50
N ALA B 335 14.17 -17.37 22.12
CA ALA B 335 14.60 -18.55 22.89
C ALA B 335 13.67 -18.77 24.09
N GLU B 336 13.27 -17.68 24.76
CA GLU B 336 12.37 -17.77 25.91
C GLU B 336 11.00 -18.33 25.50
N HIS B 337 10.42 -17.83 24.39
CA HIS B 337 9.12 -18.32 23.91
C HIS B 337 9.19 -19.76 23.49
N LEU B 338 10.24 -20.12 22.69
CA LEU B 338 10.40 -21.51 22.23
C LEU B 338 10.57 -22.49 23.39
N GLN B 339 11.35 -22.08 24.37
CA GLN B 339 11.62 -22.95 25.50
C GLN B 339 10.39 -23.32 26.32
N SER B 340 9.49 -22.33 26.55
CA SER B 340 8.34 -22.46 27.46
CA SER B 340 8.36 -22.52 27.46
C SER B 340 6.96 -22.65 26.84
N ALA B 341 6.82 -22.64 25.52
CA ALA B 341 5.50 -22.74 24.90
C ALA B 341 4.95 -24.14 24.84
N ALA B 342 3.62 -24.26 24.64
CA ALA B 342 2.92 -25.55 24.52
C ALA B 342 3.41 -26.30 23.27
N ASP B 343 3.75 -25.53 22.22
CA ASP B 343 4.20 -26.08 20.93
C ASP B 343 4.84 -24.94 20.15
N ASN B 344 5.56 -25.26 19.07
CA ASN B 344 6.23 -24.24 18.28
C ASN B 344 5.27 -23.22 17.68
N ALA B 345 4.09 -23.66 17.18
CA ALA B 345 3.13 -22.70 16.60
C ALA B 345 2.74 -21.61 17.61
N SER B 346 2.44 -22.03 18.86
CA SER B 346 2.10 -21.10 19.94
C SER B 346 3.28 -20.17 20.24
N ALA B 347 4.49 -20.73 20.30
CA ALA B 347 5.71 -19.96 20.59
C ALA B 347 5.92 -18.87 19.56
N LEU B 348 5.78 -19.24 18.26
CA LEU B 348 6.07 -18.28 17.19
C LEU B 348 5.04 -17.15 17.16
N ALA B 349 3.75 -17.50 17.35
CA ALA B 349 2.69 -16.51 17.39
C ALA B 349 2.91 -15.54 18.59
N ALA B 350 3.27 -16.07 19.78
CA ALA B 350 3.49 -15.24 20.98
C ALA B 350 4.74 -14.35 20.82
N PHE B 351 5.81 -14.92 20.22
CA PHE B 351 7.04 -14.16 19.96
C PHE B 351 6.74 -12.97 19.04
N THR B 352 6.07 -13.23 17.91
CA THR B 352 5.72 -12.20 16.92
C THR B 352 4.82 -11.13 17.55
N ALA B 353 3.78 -11.53 18.31
CA ALA B 353 2.87 -10.58 18.95
C ALA B 353 3.63 -9.70 19.95
N GLN B 354 4.58 -10.28 20.68
CA GLN B 354 5.34 -9.51 21.66
C GLN B 354 6.29 -8.53 20.98
N ARG B 355 7.05 -9.03 19.98
CA ARG B 355 8.13 -8.24 19.38
C ARG B 355 7.73 -7.25 18.29
N GLN B 356 6.69 -7.56 17.49
CA GLN B 356 6.28 -6.68 16.39
C GLN B 356 6.05 -5.23 16.78
N PRO B 357 5.31 -4.90 17.87
CA PRO B 357 5.13 -3.49 18.23
C PRO B 357 6.45 -2.83 18.60
N ASP B 358 7.39 -3.61 19.21
CA ASP B 358 8.69 -3.06 19.62
C ASP B 358 9.60 -2.80 18.43
N ALA B 359 9.57 -3.71 17.43
CA ALA B 359 10.35 -3.53 16.20
C ALA B 359 9.82 -2.31 15.44
N LEU B 360 8.48 -2.16 15.35
CA LEU B 360 7.92 -0.97 14.69
C LEU B 360 8.37 0.30 15.41
N ALA B 361 8.39 0.26 16.74
CA ALA B 361 8.76 1.41 17.57
C ALA B 361 10.22 1.80 17.32
N ILE B 362 11.14 0.82 17.37
CA ILE B 362 12.56 1.18 17.14
C ILE B 362 12.78 1.62 15.68
N GLN B 363 12.06 1.01 14.72
CA GLN B 363 12.20 1.48 13.33
C GLN B 363 11.84 2.98 13.23
N ALA B 364 10.73 3.37 13.89
CA ALA B 364 10.26 4.77 13.87
C ALA B 364 11.23 5.68 14.58
N MET B 365 11.73 5.27 15.76
CA MET B 365 12.68 6.08 16.56
C MET B 365 14.02 6.25 15.87
N ALA B 366 14.47 5.20 15.14
CA ALA B 366 15.73 5.30 14.41
C ALA B 366 15.60 6.34 13.30
N LEU B 367 14.46 6.33 12.56
CA LEU B 367 14.21 7.33 11.50
C LEU B 367 14.23 8.73 12.13
N GLU B 368 13.57 8.90 13.29
CA GLU B 368 13.50 10.20 13.96
C GLU B 368 14.85 10.64 14.49
N ASN B 369 15.71 9.69 14.88
CA ASN B 369 17.01 10.06 15.50
C ASN B 369 17.97 10.78 14.53
N TYR B 370 17.75 10.65 13.20
CA TYR B 370 18.61 11.38 12.25
C TYR B 370 18.56 12.91 12.54
N VAL B 371 17.35 13.53 12.61
CA VAL B 371 17.24 14.98 12.85
C VAL B 371 17.78 15.37 14.21
N GLU B 372 17.64 14.49 15.23
CA GLU B 372 18.16 14.75 16.58
C GLU B 372 19.67 14.89 16.52
N MET B 373 20.34 13.93 15.83
CA MET B 373 21.79 13.94 15.71
C MET B 373 22.31 15.05 14.84
N SER B 374 21.64 15.32 13.69
CA SER B 374 22.20 16.24 12.70
C SER B 374 21.58 17.61 12.61
N SER B 375 20.29 17.77 12.92
CA SER B 375 19.63 19.09 12.77
C SER B 375 19.29 19.79 14.09
N LYS B 376 18.74 19.04 15.06
CA LYS B 376 18.27 19.56 16.34
C LYS B 376 19.35 19.96 17.35
N VAL B 377 20.46 19.17 17.51
CA VAL B 377 21.56 19.42 18.48
C VAL B 377 22.09 20.88 18.48
N ALA B 378 21.90 21.60 17.35
CA ALA B 378 22.35 22.98 17.20
C ALA B 378 21.19 23.98 16.99
N SER B 379 19.97 23.67 17.51
CA SER B 379 18.79 24.53 17.39
C SER B 379 18.43 25.20 18.73
N PRO B 380 18.07 26.51 18.76
CA PRO B 380 17.77 27.17 20.06
C PRO B 380 16.54 26.64 20.80
N THR B 381 15.51 26.18 20.06
CA THR B 381 14.28 25.65 20.64
C THR B 381 14.54 24.26 21.25
N TYR B 382 15.41 23.43 20.60
CA TYR B 382 15.79 22.09 21.05
C TYR B 382 16.63 22.15 22.31
N LEU B 383 17.61 23.09 22.37
CA LEU B 383 18.50 23.28 23.51
C LEU B 383 17.74 23.64 24.78
N LEU B 384 16.66 24.45 24.64
CA LEU B 384 15.81 24.85 25.77
C LEU B 384 14.94 23.67 26.24
N GLU B 385 14.37 22.89 25.27
CA GLU B 385 13.59 21.69 25.55
C GLU B 385 14.48 20.66 26.27
N ARG B 386 15.75 20.50 25.80
CA ARG B 386 16.73 19.57 26.39
C ARG B 386 17.08 20.01 27.83
N GLU B 387 17.22 21.32 28.04
CA GLU B 387 17.51 21.92 29.34
C GLU B 387 16.36 21.66 30.34
N LEU B 388 15.10 21.91 29.90
CA LEU B 388 13.92 21.67 30.72
C LEU B 388 13.80 20.17 31.01
N GLY B 389 14.14 19.35 30.01
CA GLY B 389 14.14 17.89 30.11
C GLY B 389 15.02 17.39 31.23
N GLN B 390 16.22 17.97 31.36
CA GLN B 390 17.21 17.62 32.41
C GLN B 390 16.67 17.89 33.80
N ILE B 391 16.02 19.06 34.00
CA ILE B 391 15.40 19.47 35.26
C ILE B 391 14.25 18.51 35.62
N MET B 392 13.42 18.16 34.61
CA MET B 392 12.31 17.25 34.86
C MET B 392 12.82 15.86 35.25
N ALA B 393 13.89 15.40 34.58
CA ALA B 393 14.58 14.12 34.82
C ALA B 393 15.20 14.08 36.22
N GLN B 394 15.53 15.26 36.81
CA GLN B 394 16.09 15.40 38.15
C GLN B 394 14.99 15.42 39.21
N ARG B 395 13.89 16.17 38.93
CA ARG B 395 12.76 16.26 39.86
C ARG B 395 11.94 14.99 39.91
N GLN B 396 11.74 14.32 38.75
CA GLN B 396 10.94 13.11 38.66
C GLN B 396 11.73 11.99 37.93
N PRO B 397 12.81 11.43 38.57
CA PRO B 397 13.64 10.41 37.87
C PRO B 397 12.97 9.10 37.50
N THR B 398 11.85 8.75 38.15
CA THR B 398 11.15 7.51 37.81
C THR B 398 10.03 7.78 36.78
N ARG B 399 9.80 9.06 36.43
CA ARG B 399 8.72 9.43 35.51
C ARG B 399 9.27 10.03 34.20
N PHE B 400 10.12 11.03 34.31
CA PHE B 400 10.67 11.66 33.13
C PHE B 400 12.06 11.11 32.91
N ILE B 401 12.18 10.26 31.89
CA ILE B 401 13.45 9.63 31.49
C ILE B 401 13.62 9.95 29.99
N PRO B 402 14.66 10.72 29.60
CA PRO B 402 14.84 11.09 28.18
C PRO B 402 14.76 9.87 27.26
N ARG B 403 14.07 10.01 26.11
CA ARG B 403 13.85 8.89 25.20
C ARG B 403 15.16 8.19 24.82
N TYR B 404 16.23 8.97 24.55
CA TYR B 404 17.50 8.36 24.21
C TYR B 404 17.98 7.40 25.32
N SER B 405 17.84 7.80 26.61
CA SER B 405 18.20 6.97 27.74
C SER B 405 17.30 5.76 27.86
N MET B 406 15.97 5.91 27.61
CA MET B 406 15.07 4.75 27.65
C MET B 406 15.47 3.71 26.61
N VAL B 407 15.83 4.16 25.41
CA VAL B 407 16.19 3.24 24.31
C VAL B 407 17.59 2.63 24.56
N THR B 408 18.56 3.46 24.91
CA THR B 408 19.96 3.04 25.03
C THR B 408 20.34 2.37 26.34
N PHE B 409 19.84 2.86 27.48
CA PHE B 409 20.30 2.39 28.80
C PHE B 409 19.29 1.60 29.61
N SER B 410 18.09 1.38 29.08
CA SER B 410 17.08 0.60 29.77
C SER B 410 16.59 -0.51 28.86
N ARG B 411 15.84 -1.43 29.46
CA ARG B 411 15.24 -2.55 28.76
C ARG B 411 13.72 -2.39 28.64
N LEU B 412 13.24 -1.15 28.86
CA LEU B 412 11.81 -0.86 28.69
C LEU B 412 11.42 -1.28 27.27
N PRO B 413 10.27 -1.98 27.03
CA PRO B 413 9.93 -2.33 25.63
C PRO B 413 10.00 -1.09 24.75
N TYR B 414 10.60 -1.22 23.56
CA TYR B 414 10.73 -0.05 22.68
C TYR B 414 9.39 0.70 22.50
N ALA B 415 8.25 -0.03 22.35
CA ALA B 415 6.94 0.62 22.16
C ALA B 415 6.57 1.54 23.33
N GLN B 416 6.92 1.10 24.56
CA GLN B 416 6.68 1.87 25.78
C GLN B 416 7.62 3.08 25.83
N ALA B 417 8.92 2.89 25.47
CA ALA B 417 9.89 4.00 25.38
C ALA B 417 9.36 5.04 24.39
N MET B 418 8.85 4.59 23.24
CA MET B 418 8.32 5.54 22.26
C MET B 418 7.08 6.29 22.76
N ALA B 419 6.10 5.56 23.36
CA ALA B 419 4.85 6.17 23.87
C ALA B 419 5.15 7.21 24.95
N ARG B 420 6.03 6.84 25.89
CA ARG B 420 6.45 7.75 26.96
C ARG B 420 7.22 8.94 26.37
N GLY B 421 8.09 8.66 25.39
CA GLY B 421 8.86 9.72 24.71
C GLY B 421 7.96 10.73 24.01
N GLN B 422 6.84 10.26 23.43
CA GLN B 422 5.87 11.15 22.77
C GLN B 422 5.21 12.09 23.75
N ILE B 423 4.80 11.54 24.92
CA ILE B 423 4.20 12.36 25.99
C ILE B 423 5.23 13.42 26.44
N GLN B 424 6.50 12.98 26.64
CA GLN B 424 7.57 13.88 27.09
C GLN B 424 7.86 14.97 26.07
N GLU B 425 7.93 14.61 24.77
CA GLU B 425 8.20 15.56 23.68
C GLU B 425 7.10 16.62 23.61
N GLN B 426 5.83 16.17 23.73
CA GLN B 426 4.66 17.07 23.73
C GLN B 426 4.69 18.03 24.92
N LEU B 427 4.99 17.50 26.13
CA LEU B 427 5.10 18.27 27.37
C LEU B 427 6.15 19.38 27.24
N LEU B 428 7.34 19.03 26.74
CA LEU B 428 8.45 19.99 26.58
C LEU B 428 8.14 21.01 25.51
N LYS B 429 7.61 20.57 24.36
CA LYS B 429 7.27 21.47 23.24
C LYS B 429 6.24 22.53 23.68
N PHE B 430 5.14 22.11 24.34
CA PHE B 430 4.15 23.08 24.82
C PHE B 430 4.68 23.99 25.92
N ALA B 431 5.50 23.46 26.83
CA ALA B 431 6.06 24.25 27.93
C ALA B 431 7.05 25.31 27.45
N VAL B 432 7.89 25.00 26.43
CA VAL B 432 8.88 25.98 25.98
C VAL B 432 8.36 26.93 24.93
N ALA B 433 7.25 26.57 24.23
CA ALA B 433 6.69 27.47 23.22
C ALA B 433 6.45 28.88 23.76
N ASN B 434 6.80 29.92 22.96
CA ASN B 434 6.64 31.33 23.28
C ASN B 434 7.47 31.82 24.49
N HIS B 435 8.53 31.07 24.84
CA HIS B 435 9.48 31.42 25.91
C HIS B 435 10.89 31.39 25.33
N SER B 436 11.63 32.50 25.53
CA SER B 436 13.00 32.73 25.04
C SER B 436 14.01 31.97 25.88
N ASP B 437 13.77 31.88 27.21
CA ASP B 437 14.66 31.18 28.15
C ASP B 437 13.89 30.46 29.28
N LEU B 438 14.62 29.71 30.11
CA LEU B 438 14.10 28.94 31.23
C LEU B 438 13.50 29.76 32.39
N THR B 439 13.97 31.01 32.60
CA THR B 439 13.50 31.88 33.69
C THR B 439 12.00 32.26 33.57
N SER B 440 11.47 32.28 32.34
CA SER B 440 10.06 32.58 32.07
C SER B 440 9.19 31.32 32.14
N ILE B 441 9.81 30.12 32.15
CA ILE B 441 9.08 28.86 32.23
C ILE B 441 8.75 28.52 33.68
N ASN B 442 7.46 28.27 33.93
CA ASN B 442 6.94 27.87 35.23
C ASN B 442 7.27 26.36 35.34
N LEU B 443 8.33 26.03 36.09
CA LEU B 443 8.83 24.66 36.25
C LEU B 443 7.87 23.73 36.96
N ASP B 444 7.22 24.20 38.03
CA ASP B 444 6.27 23.42 38.82
C ASP B 444 5.04 22.98 38.03
N ALA B 445 4.58 23.85 37.08
CA ALA B 445 3.45 23.53 36.18
C ALA B 445 3.88 22.41 35.23
N VAL B 446 5.13 22.47 34.70
CA VAL B 446 5.70 21.42 33.83
C VAL B 446 5.78 20.09 34.62
N GLU B 447 6.31 20.15 35.86
CA GLU B 447 6.45 18.99 36.75
C GLU B 447 5.08 18.37 37.07
N HIS B 448 4.04 19.22 37.28
CA HIS B 448 2.70 18.77 37.55
C HIS B 448 2.14 17.99 36.36
N GLU B 449 2.46 18.44 35.14
CA GLU B 449 2.10 17.75 33.90
C GLU B 449 2.82 16.39 33.84
N VAL B 450 4.10 16.33 34.29
CA VAL B 450 4.90 15.09 34.35
C VAL B 450 4.21 14.07 35.30
N THR B 451 3.84 14.51 36.53
CA THR B 451 3.16 13.64 37.50
C THR B 451 1.78 13.22 37.03
N ARG B 452 1.10 14.11 36.28
CA ARG B 452 -0.23 13.84 35.75
C ARG B 452 -0.25 12.89 34.53
N CYS B 453 0.77 12.97 33.64
CA CYS B 453 0.80 12.21 32.37
C CYS B 453 1.77 11.02 32.33
N LEU B 454 2.76 10.96 33.24
CA LEU B 454 3.75 9.88 33.20
C LEU B 454 3.79 9.01 34.46
N PRO B 455 3.18 7.79 34.41
CA PRO B 455 3.24 6.90 35.57
C PRO B 455 4.68 6.55 35.98
N PRO B 456 4.97 6.39 37.29
CA PRO B 456 6.34 6.03 37.69
C PRO B 456 6.71 4.63 37.21
N LEU B 457 7.96 4.43 36.82
CA LEU B 457 8.47 3.14 36.34
C LEU B 457 9.31 2.47 37.42
#